data_6QAU
#
_entry.id   6QAU
#
_cell.length_a   117.006
_cell.length_b   117.006
_cell.length_c   141.485
_cell.angle_alpha   90.00
_cell.angle_beta   90.00
_cell.angle_gamma   120.00
#
_symmetry.space_group_name_H-M   'P 31 2 1'
#
loop_
_entity.id
_entity.type
_entity.pdbx_description
1 polymer 'Serine/threonine-protein kinase ULK2'
2 non-polymer N-{3-[(5-cyclopropyl-2-{[3-(morpholin-4-ylmethyl)phenyl]amino}pyrimidin-4-yl)amino]propyl}cyclobutanecarboxamide
3 non-polymer 1,2-ETHANEDIOL
4 non-polymer GLYCEROL
5 non-polymer 'CHLORIDE ION'
6 water water
#
_entity_poly.entity_id   1
_entity_poly.type   'polypeptide(L)'
_entity_poly.pdbx_seq_one_letter_code
;GGGSMEVVGDFEYSKRDLVGHGAFAVVFRGRHRQKTDWEVAIKSINKKNLSKSQILLGKEIKILKELQHENIVALYDVQE
LPNSVFLVMEYCNGGDLADYLQAKGTLSEDTIRVFLHQIAAAMRILHSKGIIHRDLKPQNILLSYANRRKSSVSGIRIKI
ADFGFARYLHSNMMAADLCGSPMYMAPEVIMSQHYDAKADLWSIGTVIYQCLVGKPPFQANSPQDLRMFYEKNRSLMPSI
PRETSPYLANLLLGLLQRNQKDRMDFEAFFSHPFLEQGPV
;
_entity_poly.pdbx_strand_id   A,B,C
#
loop_
_chem_comp.id
_chem_comp.type
_chem_comp.name
_chem_comp.formula
1FV non-polymer N-{3-[(5-cyclopropyl-2-{[3-(morpholin-4-ylmethyl)phenyl]amino}pyrimidin-4-yl)amino]propyl}cyclobutanecarboxamide 'C26 H36 N6 O2'
CL non-polymer 'CHLORIDE ION' 'Cl -1'
EDO non-polymer 1,2-ETHANEDIOL 'C2 H6 O2'
GOL non-polymer GLYCEROL 'C3 H8 O3'
#
# COMPACT_ATOMS: atom_id res chain seq x y z
N SER A 4 -36.85 -3.13 13.15
CA SER A 4 -37.36 -2.60 11.83
C SER A 4 -36.83 -3.48 10.68
N MET A 5 -37.72 -4.30 10.11
CA MET A 5 -37.42 -5.13 8.94
C MET A 5 -38.06 -4.49 7.71
N GLU A 6 -37.28 -4.35 6.63
CA GLU A 6 -37.78 -4.06 5.32
C GLU A 6 -38.34 -5.33 4.73
N VAL A 7 -39.37 -5.17 3.89
CA VAL A 7 -40.08 -6.27 3.25
C VAL A 7 -39.77 -6.23 1.75
N VAL A 8 -39.47 -7.39 1.18
CA VAL A 8 -39.17 -7.53 -0.23
C VAL A 8 -39.84 -8.82 -0.71
N GLY A 9 -41.04 -8.66 -1.27
CA GLY A 9 -41.89 -9.79 -1.58
C GLY A 9 -42.10 -10.65 -0.34
N ASP A 10 -41.85 -11.95 -0.47
CA ASP A 10 -42.00 -12.92 0.64
C ASP A 10 -40.76 -12.96 1.53
N PHE A 11 -39.82 -12.01 1.36
CA PHE A 11 -38.59 -11.99 2.11
C PHE A 11 -38.51 -10.68 2.89
N GLU A 12 -37.53 -10.59 3.79
CA GLU A 12 -37.29 -9.39 4.57
C GLU A 12 -35.79 -9.27 4.93
N TYR A 13 -35.38 -8.05 5.30
CA TYR A 13 -34.01 -7.79 5.72
C TYR A 13 -33.98 -6.55 6.63
N SER A 14 -32.94 -6.45 7.45
CA SER A 14 -32.63 -5.22 8.18
C SER A 14 -31.58 -4.44 7.38
N LYS A 15 -31.74 -3.11 7.35
CA LYS A 15 -30.77 -2.24 6.67
C LYS A 15 -29.44 -2.25 7.43
N ARG A 16 -29.44 -2.75 8.66
CA ARG A 16 -28.21 -2.88 9.44
C ARG A 16 -27.32 -4.00 8.88
N ASP A 17 -27.88 -4.98 8.17
CA ASP A 17 -27.19 -6.26 7.86
C ASP A 17 -26.53 -6.22 6.47
N LEU A 18 -25.75 -5.18 6.25
CA LEU A 18 -25.04 -4.93 5.03
C LEU A 18 -23.95 -5.99 4.94
N VAL A 19 -23.87 -6.72 3.81
CA VAL A 19 -22.79 -7.72 3.63
C VAL A 19 -21.91 -7.38 2.42
N GLY A 20 -22.28 -6.40 1.61
CA GLY A 20 -21.39 -5.84 0.64
C GLY A 20 -22.05 -4.73 -0.17
N HIS A 21 -21.23 -4.01 -0.94
CA HIS A 21 -21.69 -2.93 -1.74
C HIS A 21 -20.67 -2.57 -2.82
N GLY A 22 -21.15 -1.88 -3.86
CA GLY A 22 -20.34 -1.26 -4.86
C GLY A 22 -20.95 0.06 -5.29
N ALA A 23 -20.44 0.61 -6.38
CA ALA A 23 -20.92 1.90 -6.92
C ALA A 23 -22.46 1.94 -6.93
N PHE A 24 -23.14 0.89 -7.44
CA PHE A 24 -24.57 1.06 -7.81
C PHE A 24 -25.51 0.18 -6.97
N ALA A 25 -24.95 -0.60 -6.04
CA ALA A 25 -25.74 -1.65 -5.34
C ALA A 25 -25.29 -1.78 -3.88
N VAL A 26 -26.22 -2.19 -3.02
CA VAL A 26 -25.91 -2.73 -1.70
C VAL A 26 -26.60 -4.08 -1.55
N VAL A 27 -26.00 -4.94 -0.73
CA VAL A 27 -26.44 -6.30 -0.50
C VAL A 27 -26.59 -6.50 0.99
N PHE A 28 -27.73 -7.06 1.39
CA PHE A 28 -28.05 -7.33 2.77
C PHE A 28 -28.27 -8.81 2.95
N ARG A 29 -27.87 -9.33 4.11
CA ARG A 29 -28.35 -10.61 4.59
C ARG A 29 -29.82 -10.41 4.93
N GLY A 30 -30.67 -11.30 4.45
CA GLY A 30 -32.09 -11.30 4.80
C GLY A 30 -32.60 -12.71 4.97
N ARG A 31 -33.92 -12.87 4.92
CA ARG A 31 -34.52 -14.21 5.11
C ARG A 31 -35.94 -14.23 4.54
N HIS A 32 -36.43 -15.44 4.27
CA HIS A 32 -37.83 -15.68 4.00
C HIS A 32 -38.62 -15.32 5.27
N ARG A 33 -39.75 -14.65 5.08
CA ARG A 33 -40.52 -14.04 6.16
C ARG A 33 -41.17 -15.12 7.05
N GLN A 34 -41.49 -16.30 6.46
CA GLN A 34 -42.12 -17.40 7.19
CA GLN A 34 -42.12 -17.41 7.20
C GLN A 34 -41.11 -18.54 7.44
N LYS A 35 -40.41 -18.95 6.39
CA LYS A 35 -39.33 -19.94 6.51
C LYS A 35 -38.03 -19.19 6.84
N THR A 36 -37.91 -18.79 8.11
CA THR A 36 -36.98 -17.79 8.53
C THR A 36 -35.55 -18.34 8.62
N ASP A 37 -35.35 -19.64 8.42
CA ASP A 37 -33.99 -20.19 8.40
C ASP A 37 -33.51 -20.31 6.94
N TRP A 38 -34.36 -19.90 6.00
CA TRP A 38 -33.94 -19.72 4.64
C TRP A 38 -33.37 -18.30 4.47
N GLU A 39 -32.05 -18.19 4.64
CA GLU A 39 -31.33 -16.94 4.52
C GLU A 39 -31.20 -16.61 3.04
N VAL A 40 -31.24 -15.31 2.71
CA VAL A 40 -31.04 -14.84 1.33
C VAL A 40 -30.11 -13.61 1.33
N ALA A 41 -29.56 -13.32 0.15
CA ALA A 41 -28.82 -12.10 -0.07
C ALA A 41 -29.66 -11.18 -0.93
N ILE A 42 -29.96 -9.99 -0.41
CA ILE A 42 -30.85 -9.08 -1.11
C ILE A 42 -30.04 -7.90 -1.64
N LYS A 43 -29.98 -7.77 -2.97
CA LYS A 43 -29.23 -6.73 -3.64
C LYS A 43 -30.21 -5.62 -4.02
N SER A 44 -29.92 -4.40 -3.55
CA SER A 44 -30.72 -3.22 -3.85
C SER A 44 -29.95 -2.32 -4.83
N ILE A 45 -30.54 -2.04 -6.00
CA ILE A 45 -29.92 -1.22 -7.02
C ILE A 45 -30.71 0.08 -7.17
N ASN A 46 -30.04 1.20 -6.97
CA ASN A 46 -30.58 2.50 -7.26
C ASN A 46 -30.64 2.68 -8.79
N LYS A 47 -31.84 2.99 -9.30
CA LYS A 47 -32.13 3.08 -10.73
C LYS A 47 -31.48 4.33 -11.34
N LYS A 48 -31.57 5.47 -10.64
CA LYS A 48 -31.11 6.75 -11.17
C LYS A 48 -29.58 6.75 -11.28
N ASN A 49 -28.89 6.27 -10.23
CA ASN A 49 -27.44 6.15 -10.25
C ASN A 49 -26.98 5.25 -11.42
N LEU A 50 -27.73 4.17 -11.69
CA LEU A 50 -27.32 3.14 -12.65
C LEU A 50 -27.43 3.67 -14.09
N SER A 51 -28.49 4.43 -14.39
CA SER A 51 -28.74 4.94 -15.75
C SER A 51 -27.66 5.95 -16.21
N LYS A 52 -26.78 6.38 -15.31
CA LYS A 52 -25.68 7.29 -15.64
C LYS A 52 -24.42 6.48 -16.02
N SER A 53 -24.41 5.17 -15.71
CA SER A 53 -23.39 4.23 -16.24
C SER A 53 -23.88 3.61 -17.56
N GLN A 54 -23.01 2.82 -18.19
CA GLN A 54 -23.35 2.06 -19.37
C GLN A 54 -24.10 0.76 -18.97
N ILE A 55 -24.26 0.48 -17.67
CA ILE A 55 -24.77 -0.83 -17.19
C ILE A 55 -26.29 -0.87 -17.43
N LEU A 56 -26.77 -1.96 -18.03
CA LEU A 56 -28.17 -2.20 -18.22
C LEU A 56 -28.74 -2.96 -17.02
N LEU A 57 -29.96 -2.60 -16.68
CA LEU A 57 -30.64 -2.95 -15.43
C LEU A 57 -30.95 -4.46 -15.37
N GLY A 58 -31.35 -5.04 -16.52
CA GLY A 58 -31.85 -6.41 -16.59
C GLY A 58 -30.78 -7.43 -16.95
N LYS A 59 -29.52 -6.98 -17.07
CA LYS A 59 -28.45 -7.83 -17.58
C LYS A 59 -28.13 -8.94 -16.54
N GLU A 60 -27.88 -8.53 -15.30
CA GLU A 60 -27.56 -9.44 -14.26
C GLU A 60 -28.73 -10.43 -14.04
N ILE A 61 -29.96 -9.94 -14.07
CA ILE A 61 -31.13 -10.76 -13.88
C ILE A 61 -31.13 -11.89 -14.91
N LYS A 62 -30.95 -11.51 -16.17
CA LYS A 62 -31.06 -12.44 -17.26
C LYS A 62 -29.91 -13.44 -17.20
N ILE A 63 -28.71 -12.95 -16.88
CA ILE A 63 -27.54 -13.79 -16.79
C ILE A 63 -27.76 -14.81 -15.66
N LEU A 64 -28.20 -14.35 -14.49
CA LEU A 64 -28.34 -15.24 -13.34
C LEU A 64 -29.35 -16.34 -13.68
N LYS A 65 -30.44 -16.01 -14.41
CA LYS A 65 -31.45 -17.05 -14.84
C LYS A 65 -30.82 -18.05 -15.83
N GLU A 66 -29.95 -17.57 -16.72
CA GLU A 66 -29.38 -18.42 -17.76
C GLU A 66 -28.23 -19.30 -17.20
N LEU A 67 -27.66 -18.92 -16.05
CA LEU A 67 -26.44 -19.52 -15.47
C LEU A 67 -26.80 -20.42 -14.29
N GLN A 68 -28.10 -20.72 -14.10
CA GLN A 68 -28.54 -21.55 -12.96
C GLN A 68 -27.64 -22.82 -12.83
N HIS A 69 -26.99 -22.99 -11.67
CA HIS A 69 -25.85 -23.94 -11.47
C HIS A 69 -25.36 -23.85 -10.01
N GLU A 70 -24.81 -24.94 -9.50
CA GLU A 70 -24.52 -25.06 -8.05
C GLU A 70 -23.31 -24.20 -7.63
N ASN A 71 -22.50 -23.72 -8.57
CA ASN A 71 -21.35 -22.88 -8.22
C ASN A 71 -21.59 -21.46 -8.70
N ILE A 72 -22.86 -21.11 -8.92
CA ILE A 72 -23.27 -19.76 -9.23
C ILE A 72 -24.49 -19.40 -8.38
N VAL A 73 -24.42 -18.26 -7.70
CA VAL A 73 -25.50 -17.84 -6.84
C VAL A 73 -26.81 -17.84 -7.66
N ALA A 74 -27.85 -18.42 -7.04
CA ALA A 74 -29.21 -18.48 -7.62
C ALA A 74 -29.96 -17.16 -7.44
N LEU A 75 -30.87 -16.87 -8.36
CA LEU A 75 -31.81 -15.77 -8.28
C LEU A 75 -33.21 -16.31 -7.98
N TYR A 76 -33.84 -15.83 -6.90
CA TYR A 76 -35.10 -16.36 -6.46
C TYR A 76 -36.25 -15.43 -6.84
N ASP A 77 -36.02 -14.11 -6.79
CA ASP A 77 -37.06 -13.15 -7.06
C ASP A 77 -36.48 -11.79 -7.45
N VAL A 78 -37.28 -11.04 -8.20
CA VAL A 78 -37.02 -9.65 -8.54
C VAL A 78 -38.23 -8.80 -8.09
N GLN A 79 -37.97 -7.71 -7.39
CA GLN A 79 -39.00 -6.78 -6.93
C GLN A 79 -38.62 -5.37 -7.37
N GLU A 80 -39.44 -4.79 -8.25
CA GLU A 80 -39.22 -3.47 -8.78
C GLU A 80 -40.06 -2.47 -7.97
N LEU A 81 -39.40 -1.37 -7.57
CA LEU A 81 -40.01 -0.21 -6.92
C LEU A 81 -39.71 1.02 -7.78
N PRO A 82 -40.32 2.20 -7.49
CA PRO A 82 -40.10 3.39 -8.31
C PRO A 82 -38.62 3.80 -8.41
N ASN A 83 -37.88 3.66 -7.31
CA ASN A 83 -36.47 4.14 -7.20
C ASN A 83 -35.48 2.96 -7.39
N SER A 84 -35.85 1.75 -6.95
CA SER A 84 -34.91 0.63 -6.76
C SER A 84 -35.45 -0.68 -7.34
N VAL A 85 -34.53 -1.55 -7.76
CA VAL A 85 -34.83 -2.94 -8.04
C VAL A 85 -34.13 -3.81 -6.97
N PHE A 86 -34.85 -4.81 -6.46
CA PHE A 86 -34.30 -5.76 -5.56
C PHE A 86 -34.15 -7.10 -6.27
N LEU A 87 -32.97 -7.69 -6.11
CA LEU A 87 -32.70 -9.07 -6.49
C LEU A 87 -32.57 -9.87 -5.18
N VAL A 88 -33.36 -10.93 -5.07
CA VAL A 88 -33.29 -11.86 -3.97
C VAL A 88 -32.53 -13.08 -4.46
N MET A 89 -31.34 -13.29 -3.91
CA MET A 89 -30.44 -14.31 -4.39
C MET A 89 -29.99 -15.22 -3.25
N GLU A 90 -29.31 -16.30 -3.61
CA GLU A 90 -28.73 -17.28 -2.69
C GLU A 90 -27.77 -16.57 -1.73
N TYR A 91 -27.93 -16.81 -0.42
CA TYR A 91 -26.99 -16.31 0.59
C TYR A 91 -25.86 -17.33 0.80
N CYS A 92 -24.63 -16.84 0.82
CA CYS A 92 -23.43 -17.64 1.06
C CYS A 92 -22.97 -17.40 2.50
N ASN A 93 -23.20 -18.38 3.38
CA ASN A 93 -23.11 -18.16 4.80
C ASN A 93 -21.65 -18.15 5.24
N GLY A 94 -20.73 -18.44 4.32
CA GLY A 94 -19.30 -18.47 4.62
C GLY A 94 -18.58 -17.17 4.27
N GLY A 95 -19.28 -16.18 3.71
CA GLY A 95 -18.62 -14.94 3.31
C GLY A 95 -17.80 -15.16 2.04
N ASP A 96 -16.75 -14.36 1.86
CA ASP A 96 -16.00 -14.33 0.60
C ASP A 96 -14.62 -15.01 0.78
N LEU A 97 -13.94 -15.28 -0.33
CA LEU A 97 -12.67 -15.94 -0.31
C LEU A 97 -11.63 -15.03 0.33
N ALA A 98 -11.81 -13.72 0.17
CA ALA A 98 -10.88 -12.74 0.73
C ALA A 98 -10.72 -12.94 2.23
N ASP A 99 -11.84 -13.08 2.95
CA ASP A 99 -11.85 -13.22 4.42
C ASP A 99 -11.30 -14.60 4.82
N TYR A 100 -11.69 -15.64 4.06
CA TYR A 100 -11.20 -16.99 4.26
C TYR A 100 -9.67 -17.02 4.17
N LEU A 101 -9.11 -16.32 3.17
CA LEU A 101 -7.66 -16.20 2.98
C LEU A 101 -7.00 -15.43 4.14
N GLN A 102 -7.63 -14.34 4.58
CA GLN A 102 -7.09 -13.58 5.70
C GLN A 102 -6.96 -14.49 6.93
N ALA A 103 -7.94 -15.38 7.14
CA ALA A 103 -7.98 -16.24 8.31
C ALA A 103 -7.01 -17.44 8.18
N LYS A 104 -6.74 -17.92 6.97
CA LYS A 104 -5.97 -19.17 6.78
C LYS A 104 -4.53 -18.86 6.36
N GLY A 105 -4.29 -17.65 5.86
CA GLY A 105 -2.99 -17.26 5.35
C GLY A 105 -2.80 -17.71 3.92
N THR A 106 -2.42 -18.99 3.74
CA THR A 106 -2.25 -19.60 2.46
C THR A 106 -2.88 -20.98 2.49
N LEU A 107 -3.30 -21.44 1.32
CA LEU A 107 -3.96 -22.71 1.16
C LEU A 107 -2.96 -23.75 0.66
N SER A 108 -3.19 -25.01 1.04
CA SER A 108 -2.46 -26.13 0.48
C SER A 108 -2.81 -26.29 -1.01
N GLU A 109 -1.95 -26.96 -1.75
CA GLU A 109 -2.24 -27.26 -3.18
C GLU A 109 -3.49 -28.12 -3.29
N ASP A 110 -3.74 -29.00 -2.31
CA ASP A 110 -4.93 -29.91 -2.30
C ASP A 110 -6.20 -29.09 -2.16
N THR A 111 -6.16 -28.07 -1.30
CA THR A 111 -7.30 -27.22 -1.10
C THR A 111 -7.52 -26.38 -2.37
N ILE A 112 -6.43 -25.88 -2.95
CA ILE A 112 -6.52 -25.05 -4.12
C ILE A 112 -7.17 -25.88 -5.23
N ARG A 113 -6.77 -27.14 -5.36
CA ARG A 113 -7.32 -28.03 -6.38
C ARG A 113 -8.85 -28.18 -6.19
N VAL A 114 -9.30 -28.32 -4.95
CA VAL A 114 -10.71 -28.53 -4.70
C VAL A 114 -11.47 -27.25 -5.08
N PHE A 115 -10.97 -26.07 -4.68
CA PHE A 115 -11.65 -24.83 -4.98
C PHE A 115 -11.68 -24.63 -6.51
N LEU A 116 -10.55 -24.94 -7.15
CA LEU A 116 -10.37 -24.67 -8.57
C LEU A 116 -11.31 -25.55 -9.39
N HIS A 117 -11.51 -26.80 -8.95
CA HIS A 117 -12.47 -27.69 -9.61
C HIS A 117 -13.84 -27.03 -9.68
N GLN A 118 -14.22 -26.32 -8.61
CA GLN A 118 -15.56 -25.73 -8.52
C GLN A 118 -15.61 -24.46 -9.37
N ILE A 119 -14.56 -23.65 -9.30
CA ILE A 119 -14.45 -22.45 -10.09
C ILE A 119 -14.52 -22.83 -11.60
N ALA A 120 -13.85 -23.92 -11.96
CA ALA A 120 -13.81 -24.38 -13.32
C ALA A 120 -15.19 -24.83 -13.80
N ALA A 121 -15.92 -25.51 -12.91
CA ALA A 121 -17.30 -25.92 -13.20
C ALA A 121 -18.15 -24.68 -13.53
N ALA A 122 -18.04 -23.63 -12.70
CA ALA A 122 -18.75 -22.37 -12.94
C ALA A 122 -18.37 -21.85 -14.30
N MET A 123 -17.07 -21.86 -14.59
CA MET A 123 -16.53 -21.28 -15.80
C MET A 123 -17.02 -22.08 -17.02
N ARG A 124 -17.25 -23.38 -16.86
CA ARG A 124 -17.74 -24.21 -17.95
C ARG A 124 -19.17 -23.77 -18.35
N ILE A 125 -20.01 -23.43 -17.36
CA ILE A 125 -21.39 -23.00 -17.67
C ILE A 125 -21.34 -21.60 -18.33
N LEU A 126 -20.59 -20.65 -17.75
CA LEU A 126 -20.39 -19.33 -18.41
C LEU A 126 -19.93 -19.54 -19.86
N HIS A 127 -18.92 -20.40 -20.05
CA HIS A 127 -18.29 -20.60 -21.34
C HIS A 127 -19.31 -21.09 -22.36
N SER A 128 -20.23 -21.95 -21.93
CA SER A 128 -21.14 -22.59 -22.85
C SER A 128 -22.27 -21.63 -23.24
N LYS A 129 -22.48 -20.59 -22.44
CA LYS A 129 -23.47 -19.54 -22.73
C LYS A 129 -22.79 -18.28 -23.32
N GLY A 130 -21.47 -18.35 -23.55
CA GLY A 130 -20.71 -17.23 -24.04
C GLY A 130 -20.79 -16.02 -23.11
N ILE A 131 -20.67 -16.23 -21.81
CA ILE A 131 -20.64 -15.14 -20.86
C ILE A 131 -19.24 -15.04 -20.23
N ILE A 132 -18.75 -13.79 -20.10
CA ILE A 132 -17.54 -13.53 -19.33
C ILE A 132 -17.92 -12.59 -18.19
N HIS A 133 -17.28 -12.77 -17.05
CA HIS A 133 -17.64 -12.13 -15.83
C HIS A 133 -16.99 -10.76 -15.76
N ARG A 134 -15.66 -10.77 -15.98
CA ARG A 134 -14.74 -9.61 -16.18
C ARG A 134 -14.31 -8.95 -14.88
N ASP A 135 -14.91 -9.31 -13.75
CA ASP A 135 -14.49 -8.72 -12.50
C ASP A 135 -14.40 -9.77 -11.39
N LEU A 136 -13.90 -10.97 -11.71
CA LEU A 136 -13.70 -12.02 -10.70
C LEU A 136 -12.60 -11.58 -9.75
N LYS A 137 -12.82 -11.82 -8.47
CA LYS A 137 -11.88 -11.47 -7.45
C LYS A 137 -12.31 -12.17 -6.16
N PRO A 138 -11.44 -12.20 -5.14
CA PRO A 138 -11.77 -12.89 -3.91
C PRO A 138 -13.05 -12.37 -3.25
N GLN A 139 -13.43 -11.11 -3.55
CA GLN A 139 -14.59 -10.46 -2.93
C GLN A 139 -15.93 -10.96 -3.53
N ASN A 140 -15.91 -11.59 -4.72
CA ASN A 140 -17.17 -12.13 -5.32
C ASN A 140 -17.05 -13.62 -5.65
N ILE A 141 -16.02 -14.27 -5.13
CA ILE A 141 -15.96 -15.74 -5.09
C ILE A 141 -16.30 -16.15 -3.66
N LEU A 142 -17.48 -16.74 -3.46
CA LEU A 142 -18.09 -16.81 -2.12
C LEU A 142 -18.14 -18.26 -1.64
N LEU A 143 -18.24 -18.41 -0.31
CA LEU A 143 -18.21 -19.70 0.38
C LEU A 143 -19.57 -19.97 1.02
N SER A 144 -20.08 -21.18 0.80
CA SER A 144 -21.34 -21.61 1.36
C SER A 144 -21.13 -22.95 2.07
N TYR A 145 -21.60 -23.03 3.33
CA TYR A 145 -21.60 -24.29 4.12
C TYR A 145 -23.04 -24.78 4.28
N ALA A 146 -23.31 -26.00 3.81
CA ALA A 146 -24.68 -26.59 3.79
C ALA A 146 -25.10 -27.03 5.20
N ASN A 147 -24.15 -27.63 5.94
CA ASN A 147 -24.22 -27.78 7.39
C ASN A 147 -23.04 -26.99 8.01
N ARG A 148 -23.37 -26.11 8.96
CA ARG A 148 -22.37 -25.34 9.70
C ARG A 148 -21.54 -26.27 10.61
N ARG A 149 -22.01 -27.52 10.82
CA ARG A 149 -21.21 -28.58 11.48
C ARG A 149 -20.02 -29.00 10.58
N LYS A 150 -20.31 -29.33 9.31
CA LYS A 150 -19.27 -29.70 8.32
C LYS A 150 -18.52 -28.44 7.84
N SER A 151 -17.54 -28.00 8.66
CA SER A 151 -16.91 -26.69 8.57
C SER A 151 -15.51 -26.79 7.96
N SER A 152 -15.05 -28.00 7.60
CA SER A 152 -13.76 -28.17 6.94
C SER A 152 -13.91 -27.93 5.43
N VAL A 153 -12.78 -28.00 4.70
CA VAL A 153 -12.67 -27.74 3.26
C VAL A 153 -13.73 -28.53 2.47
N SER A 154 -13.96 -29.78 2.85
CA SER A 154 -14.86 -30.68 2.11
C SER A 154 -16.34 -30.28 2.28
N GLY A 155 -16.63 -29.37 3.22
CA GLY A 155 -18.01 -28.81 3.39
C GLY A 155 -18.23 -27.48 2.66
N ILE A 156 -17.20 -26.96 1.99
CA ILE A 156 -17.32 -25.67 1.34
C ILE A 156 -17.82 -25.89 -0.08
N ARG A 157 -18.87 -25.16 -0.47
CA ARG A 157 -19.22 -25.03 -1.86
C ARG A 157 -18.96 -23.57 -2.30
N ILE A 158 -18.20 -23.43 -3.39
CA ILE A 158 -17.83 -22.15 -3.98
C ILE A 158 -18.96 -21.69 -4.89
N LYS A 159 -19.29 -20.40 -4.80
CA LYS A 159 -20.32 -19.81 -5.66
C LYS A 159 -19.85 -18.42 -6.17
N ILE A 160 -19.89 -18.25 -7.49
CA ILE A 160 -19.51 -17.01 -8.14
C ILE A 160 -20.69 -16.04 -8.08
N ALA A 161 -20.38 -14.77 -7.84
CA ALA A 161 -21.41 -13.73 -7.66
C ALA A 161 -21.02 -12.46 -8.39
N ASP A 162 -21.98 -11.53 -8.50
CA ASP A 162 -21.84 -10.18 -9.02
C ASP A 162 -21.49 -10.20 -10.51
N PHE A 163 -22.53 -10.29 -11.34
CA PHE A 163 -22.36 -10.35 -12.78
C PHE A 163 -22.62 -8.96 -13.39
N GLY A 164 -22.58 -7.92 -12.55
CA GLY A 164 -22.85 -6.55 -12.93
C GLY A 164 -21.98 -6.07 -14.09
N PHE A 165 -20.75 -6.59 -14.19
CA PHE A 165 -19.80 -6.10 -15.20
C PHE A 165 -19.61 -7.15 -16.31
N ALA A 166 -20.48 -8.15 -16.35
CA ALA A 166 -20.36 -9.27 -17.26
C ALA A 166 -20.83 -8.86 -18.67
N ARG A 167 -20.43 -9.64 -19.68
CA ARG A 167 -20.93 -9.39 -21.01
C ARG A 167 -21.10 -10.71 -21.77
N TYR A 168 -22.01 -10.67 -22.75
CA TYR A 168 -22.24 -11.74 -23.69
C TYR A 168 -21.27 -11.62 -24.88
N LEU A 169 -20.68 -12.74 -25.29
CA LEU A 169 -20.00 -12.91 -26.60
C LEU A 169 -20.91 -13.67 -27.58
N HIS A 170 -21.18 -13.06 -28.74
CA HIS A 170 -21.93 -13.78 -29.78
C HIS A 170 -21.08 -14.95 -30.36
N SER A 171 -21.78 -15.97 -30.85
CA SER A 171 -21.22 -17.05 -31.72
C SER A 171 -21.31 -16.65 -33.21
N ASN A 172 -20.99 -17.58 -34.11
CA ASN A 172 -20.82 -17.26 -35.56
C ASN A 172 -22.15 -16.83 -36.19
N MET A 173 -23.18 -17.67 -36.04
CA MET A 173 -24.50 -17.44 -36.65
C MET A 173 -25.39 -16.61 -35.72
N MET A 174 -24.95 -16.44 -34.46
CA MET A 174 -25.51 -15.47 -33.52
C MET A 174 -25.42 -14.06 -34.11
N ALA A 175 -24.59 -13.91 -35.16
CA ALA A 175 -24.44 -12.66 -35.95
C ALA A 175 -25.32 -12.72 -37.21
N ALA A 176 -25.28 -13.85 -37.93
CA ALA A 176 -26.07 -14.04 -39.17
C ALA A 176 -27.57 -14.21 -38.84
N ASP A 177 -27.87 -14.98 -37.77
CA ASP A 177 -29.24 -15.49 -37.47
C ASP A 177 -30.19 -14.36 -37.07
N LEU A 178 -29.66 -13.21 -36.62
CA LEU A 178 -30.52 -12.09 -36.19
C LEU A 178 -30.28 -10.81 -37.03
N CYS A 179 -29.10 -10.69 -37.65
CA CYS A 179 -28.68 -9.43 -38.31
C CYS A 179 -28.67 -9.58 -39.85
N GLY A 180 -29.39 -10.58 -40.36
CA GLY A 180 -29.61 -10.75 -41.80
C GLY A 180 -28.30 -10.98 -42.56
N SER A 181 -28.26 -10.51 -43.80
CA SER A 181 -27.08 -10.65 -44.65
C SER A 181 -25.89 -9.95 -44.00
N PRO A 182 -24.72 -10.63 -43.91
CA PRO A 182 -23.55 -10.09 -43.21
C PRO A 182 -22.57 -9.36 -44.13
N MET A 183 -23.04 -8.90 -45.30
CA MET A 183 -22.17 -8.47 -46.36
C MET A 183 -21.46 -7.16 -46.01
N TYR A 184 -22.04 -6.41 -45.07
CA TYR A 184 -21.54 -5.10 -44.68
C TYR A 184 -20.91 -5.16 -43.29
N MET A 185 -20.88 -6.35 -42.72
CA MET A 185 -20.51 -6.55 -41.35
C MET A 185 -18.98 -6.72 -41.29
N ALA A 186 -18.36 -6.17 -40.26
CA ALA A 186 -16.93 -6.25 -40.07
C ALA A 186 -16.50 -7.69 -39.94
N PRO A 187 -15.34 -8.09 -40.53
CA PRO A 187 -14.86 -9.47 -40.42
C PRO A 187 -14.70 -9.94 -38.97
N GLU A 188 -14.24 -9.06 -38.08
CA GLU A 188 -14.02 -9.45 -36.72
C GLU A 188 -15.38 -9.70 -36.01
N VAL A 189 -16.45 -9.06 -36.47
CA VAL A 189 -17.77 -9.32 -35.93
C VAL A 189 -18.33 -10.64 -36.49
N ILE A 190 -18.17 -10.89 -37.79
CA ILE A 190 -18.63 -12.11 -38.43
C ILE A 190 -17.93 -13.33 -37.80
N MET A 191 -16.65 -13.16 -37.43
CA MET A 191 -15.82 -14.27 -37.00
C MET A 191 -15.80 -14.41 -35.48
N SER A 192 -16.42 -13.47 -34.77
CA SER A 192 -16.57 -13.56 -33.30
C SER A 192 -15.21 -13.46 -32.60
N GLN A 193 -14.41 -12.51 -33.03
CA GLN A 193 -13.10 -12.33 -32.45
C GLN A 193 -13.24 -11.31 -31.33
N HIS A 194 -12.75 -11.70 -30.15
CA HIS A 194 -13.00 -11.04 -28.88
C HIS A 194 -11.72 -10.96 -28.06
N TYR A 195 -11.28 -9.75 -27.77
CA TYR A 195 -10.02 -9.51 -27.11
C TYR A 195 -10.09 -10.00 -25.65
N ASP A 196 -11.29 -10.03 -25.06
CA ASP A 196 -11.49 -10.21 -23.63
C ASP A 196 -12.09 -11.59 -23.34
N ALA A 197 -12.05 -12.50 -24.31
CA ALA A 197 -12.68 -13.81 -24.17
C ALA A 197 -12.02 -14.63 -23.05
N LYS A 198 -10.76 -14.32 -22.74
CA LYS A 198 -9.98 -15.01 -21.70
C LYS A 198 -9.74 -14.12 -20.46
N ALA A 199 -10.52 -13.06 -20.28
CA ALA A 199 -10.33 -12.18 -19.13
C ALA A 199 -10.42 -12.96 -17.81
N ASP A 200 -11.41 -13.84 -17.69
CA ASP A 200 -11.64 -14.53 -16.42
C ASP A 200 -10.48 -15.46 -16.10
N LEU A 201 -9.80 -15.96 -17.12
CA LEU A 201 -8.72 -16.92 -16.91
C LEU A 201 -7.54 -16.22 -16.25
N TRP A 202 -7.27 -14.96 -16.63
CA TRP A 202 -6.25 -14.17 -15.96
C TRP A 202 -6.63 -14.00 -14.49
N SER A 203 -7.89 -13.63 -14.25
CA SER A 203 -8.39 -13.33 -12.93
C SER A 203 -8.18 -14.52 -12.01
N ILE A 204 -8.61 -15.69 -12.50
CA ILE A 204 -8.53 -16.91 -11.78
C ILE A 204 -7.07 -17.17 -11.43
N GLY A 205 -6.17 -16.87 -12.38
CA GLY A 205 -4.75 -16.95 -12.19
C GLY A 205 -4.29 -16.14 -11.00
N THR A 206 -4.75 -14.87 -10.93
CA THR A 206 -4.35 -13.97 -9.84
C THR A 206 -4.85 -14.50 -8.50
N VAL A 207 -6.02 -15.15 -8.52
CA VAL A 207 -6.68 -15.58 -7.30
C VAL A 207 -5.99 -16.85 -6.78
N ILE A 208 -5.72 -17.79 -7.67
CA ILE A 208 -4.99 -19.00 -7.30
C ILE A 208 -3.62 -18.62 -6.76
N TYR A 209 -2.95 -17.69 -7.45
CA TYR A 209 -1.66 -17.26 -7.04
C TYR A 209 -1.72 -16.75 -5.61
N GLN A 210 -2.76 -15.98 -5.28
CA GLN A 210 -2.88 -15.38 -3.96
C GLN A 210 -3.18 -16.46 -2.91
N CYS A 211 -3.96 -17.47 -3.27
CA CYS A 211 -4.20 -18.63 -2.38
C CYS A 211 -2.86 -19.32 -2.03
N LEU A 212 -2.00 -19.49 -3.03
CA LEU A 212 -0.75 -20.25 -2.90
C LEU A 212 0.28 -19.42 -2.13
N VAL A 213 0.40 -18.13 -2.47
CA VAL A 213 1.57 -17.35 -2.12
C VAL A 213 1.23 -16.41 -0.96
N GLY A 214 -0.03 -16.00 -0.84
CA GLY A 214 -0.48 -15.11 0.24
C GLY A 214 -0.54 -13.65 -0.19
N LYS A 215 -0.19 -13.34 -1.44
CA LYS A 215 -0.43 -11.99 -1.99
C LYS A 215 -0.73 -12.11 -3.47
N PRO A 216 -1.35 -11.11 -4.10
CA PRO A 216 -1.57 -11.11 -5.54
C PRO A 216 -0.25 -10.97 -6.28
N PRO A 217 -0.15 -11.42 -7.54
CA PRO A 217 1.13 -11.49 -8.23
C PRO A 217 1.67 -10.12 -8.67
N PHE A 218 0.78 -9.14 -8.86
CA PHE A 218 1.16 -7.80 -9.28
C PHE A 218 0.34 -6.79 -8.47
N GLN A 219 0.93 -6.33 -7.36
CA GLN A 219 0.33 -5.30 -6.51
C GLN A 219 0.68 -3.93 -7.07
N ALA A 220 -0.11 -2.94 -6.66
CA ALA A 220 0.04 -1.57 -7.07
C ALA A 220 -0.75 -0.71 -6.08
N ASN A 221 -0.23 0.48 -5.78
CA ASN A 221 -0.79 1.37 -4.75
C ASN A 221 -2.18 1.90 -5.16
N SER A 222 -2.54 1.77 -6.45
CA SER A 222 -3.78 2.35 -7.00
C SER A 222 -4.15 1.69 -8.34
N PRO A 223 -5.38 1.92 -8.85
CA PRO A 223 -5.73 1.59 -10.24
C PRO A 223 -4.84 2.24 -11.32
N GLN A 224 -4.35 3.46 -11.04
CA GLN A 224 -3.46 4.20 -11.95
C GLN A 224 -2.18 3.42 -12.22
N ASP A 225 -1.48 3.06 -11.13
CA ASP A 225 -0.19 2.39 -11.17
C ASP A 225 -0.33 1.07 -11.95
N LEU A 226 -1.37 0.30 -11.62
CA LEU A 226 -1.56 -1.00 -12.20
C LEU A 226 -1.85 -0.89 -13.70
N ARG A 227 -2.67 0.09 -14.10
CA ARG A 227 -2.92 0.29 -15.53
C ARG A 227 -1.57 0.48 -16.24
N MET A 228 -0.79 1.47 -15.78
CA MET A 228 0.45 1.90 -16.47
C MET A 228 1.50 0.78 -16.44
N PHE A 229 1.65 0.13 -15.29
CA PHE A 229 2.56 -1.01 -15.17
C PHE A 229 2.25 -2.05 -16.25
N TYR A 230 0.95 -2.26 -16.53
CA TYR A 230 0.50 -3.26 -17.54
C TYR A 230 0.67 -2.69 -18.96
N GLU A 231 0.50 -1.37 -19.10
CA GLU A 231 0.71 -0.61 -20.35
C GLU A 231 2.17 -0.76 -20.80
N LYS A 232 3.10 -0.54 -19.84
CA LYS A 232 4.54 -0.37 -20.12
C LYS A 232 5.18 -1.75 -20.34
N ASN A 233 4.91 -2.67 -19.41
CA ASN A 233 5.48 -4.00 -19.45
C ASN A 233 4.54 -4.89 -20.29
N ARG A 234 4.91 -5.13 -21.56
CA ARG A 234 4.07 -5.90 -22.52
C ARG A 234 4.29 -7.41 -22.30
N SER A 235 5.26 -7.77 -21.43
CA SER A 235 5.56 -9.16 -21.03
C SER A 235 5.94 -9.23 -19.54
N LEU A 236 5.21 -10.03 -18.75
CA LEU A 236 5.43 -10.15 -17.30
C LEU A 236 5.65 -11.61 -16.88
N MET A 237 6.61 -11.85 -15.98
CA MET A 237 6.79 -13.18 -15.32
C MET A 237 6.39 -13.07 -13.86
N PRO A 238 5.30 -13.71 -13.42
CA PRO A 238 5.00 -13.77 -11.99
C PRO A 238 6.04 -14.62 -11.25
N SER A 239 6.32 -14.25 -10.01
CA SER A 239 7.26 -14.94 -9.19
C SER A 239 6.59 -16.16 -8.55
N ILE A 240 6.99 -17.37 -8.99
CA ILE A 240 6.48 -18.64 -8.48
C ILE A 240 7.46 -19.20 -7.45
N PRO A 241 7.05 -19.52 -6.21
CA PRO A 241 7.96 -20.22 -5.28
C PRO A 241 8.48 -21.53 -5.85
N ARG A 242 9.76 -21.84 -5.58
CA ARG A 242 10.43 -23.10 -6.04
C ARG A 242 9.68 -24.34 -5.56
N GLU A 243 9.03 -24.26 -4.39
CA GLU A 243 8.31 -25.40 -3.74
C GLU A 243 6.98 -25.72 -4.47
N THR A 244 6.50 -24.81 -5.31
CA THR A 244 5.26 -25.01 -6.08
C THR A 244 5.41 -26.27 -6.95
N SER A 245 4.40 -27.14 -6.95
CA SER A 245 4.43 -28.31 -7.79
C SER A 245 4.58 -27.90 -9.26
N PRO A 246 5.33 -28.68 -10.06
CA PRO A 246 5.55 -28.33 -11.47
C PRO A 246 4.24 -28.04 -12.23
N TYR A 247 3.20 -28.86 -12.03
CA TYR A 247 2.01 -28.70 -12.88
C TYR A 247 1.22 -27.46 -12.41
N LEU A 248 1.20 -27.16 -11.11
CA LEU A 248 0.48 -25.94 -10.67
C LEU A 248 1.21 -24.70 -11.19
N ALA A 249 2.56 -24.77 -11.26
CA ALA A 249 3.33 -23.64 -11.72
C ALA A 249 3.06 -23.40 -13.20
N ASN A 250 2.99 -24.51 -13.94
CA ASN A 250 2.66 -24.49 -15.34
C ASN A 250 1.30 -23.83 -15.55
N LEU A 251 0.29 -24.26 -14.77
CA LEU A 251 -1.05 -23.70 -14.85
C LEU A 251 -0.99 -22.19 -14.55
N LEU A 252 -0.33 -21.80 -13.46
CA LEU A 252 -0.26 -20.40 -13.08
C LEU A 252 0.39 -19.56 -14.18
N LEU A 253 1.49 -20.02 -14.77
CA LEU A 253 2.20 -19.24 -15.78
C LEU A 253 1.37 -19.13 -17.06
N GLY A 254 0.57 -20.15 -17.36
CA GLY A 254 -0.37 -20.17 -18.51
C GLY A 254 -1.52 -19.17 -18.35
N LEU A 255 -2.04 -19.07 -17.12
CA LEU A 255 -3.12 -18.14 -16.81
C LEU A 255 -2.58 -16.72 -16.76
N LEU A 256 -1.41 -16.53 -16.16
CA LEU A 256 -0.90 -15.20 -15.86
C LEU A 256 -0.03 -14.72 -17.01
N GLN A 257 -0.54 -14.88 -18.25
CA GLN A 257 0.06 -14.32 -19.44
C GLN A 257 -0.56 -12.94 -19.70
N ARG A 258 0.29 -11.92 -19.66
CA ARG A 258 -0.09 -10.53 -19.83
C ARG A 258 -0.80 -10.35 -21.17
N ASN A 259 -0.34 -11.05 -22.20
CA ASN A 259 -0.91 -10.96 -23.51
C ASN A 259 -1.90 -12.10 -23.76
N GLN A 260 -3.14 -11.71 -24.00
CA GLN A 260 -4.29 -12.58 -24.13
C GLN A 260 -4.04 -13.70 -25.15
N LYS A 261 -3.35 -13.36 -26.24
CA LYS A 261 -3.16 -14.30 -27.34
C LYS A 261 -2.24 -15.45 -26.90
N ASP A 262 -1.35 -15.16 -25.93
CA ASP A 262 -0.41 -16.16 -25.37
C ASP A 262 -1.01 -16.91 -24.16
N ARG A 263 -2.18 -16.45 -23.69
CA ARG A 263 -2.81 -17.01 -22.49
C ARG A 263 -3.49 -18.33 -22.83
N MET A 264 -3.35 -19.29 -21.93
CA MET A 264 -4.10 -20.52 -21.96
C MET A 264 -5.58 -20.21 -22.29
N ASP A 265 -6.21 -21.05 -23.12
CA ASP A 265 -7.67 -20.90 -23.44
C ASP A 265 -8.47 -21.83 -22.52
N PHE A 266 -9.80 -21.76 -22.60
CA PHE A 266 -10.68 -22.36 -21.61
C PHE A 266 -10.50 -23.90 -21.61
N GLU A 267 -10.45 -24.49 -22.81
CA GLU A 267 -10.43 -25.94 -22.94
C GLU A 267 -9.14 -26.49 -22.30
N ALA A 268 -8.06 -25.73 -22.48
CA ALA A 268 -6.75 -26.07 -21.95
C ALA A 268 -6.76 -25.94 -20.42
N PHE A 269 -7.42 -24.88 -19.92
CA PHE A 269 -7.62 -24.67 -18.49
C PHE A 269 -8.47 -25.80 -17.90
N PHE A 270 -9.59 -26.12 -18.54
CA PHE A 270 -10.54 -27.06 -17.97
C PHE A 270 -9.86 -28.44 -17.90
N SER A 271 -9.02 -28.75 -18.89
CA SER A 271 -8.41 -30.08 -18.98
C SER A 271 -6.95 -30.07 -18.50
N HIS A 272 -6.52 -28.99 -17.83
CA HIS A 272 -5.15 -28.94 -17.33
C HIS A 272 -4.95 -30.07 -16.33
N PRO A 273 -3.81 -30.81 -16.43
CA PRO A 273 -3.60 -31.98 -15.59
C PRO A 273 -3.64 -31.69 -14.07
N PHE A 274 -3.46 -30.44 -13.65
CA PHE A 274 -3.52 -30.11 -12.25
C PHE A 274 -4.93 -30.32 -11.71
N LEU A 275 -5.94 -30.02 -12.53
CA LEU A 275 -7.32 -30.09 -12.16
C LEU A 275 -7.81 -31.54 -12.12
N GLU A 276 -7.40 -32.37 -13.09
CA GLU A 276 -7.87 -33.79 -13.11
C GLU A 276 -7.06 -34.57 -12.07
N GLN A 277 -7.69 -34.85 -10.93
CA GLN A 277 -7.08 -35.67 -9.83
C GLN A 277 -8.21 -36.43 -9.10
N GLY A 278 -7.82 -37.28 -8.15
CA GLY A 278 -8.75 -38.09 -7.37
C GLY A 278 -9.06 -37.44 -6.03
N PRO A 279 -8.25 -37.71 -4.97
CA PRO A 279 -8.42 -37.09 -3.66
C PRO A 279 -7.48 -35.88 -3.48
N SER B 4 2.76 47.67 10.35
CA SER B 4 4.10 47.02 10.05
C SER B 4 3.86 45.63 9.45
N MET B 5 4.13 45.51 8.15
CA MET B 5 3.94 44.28 7.38
C MET B 5 5.31 43.63 7.14
N GLU B 6 5.39 42.33 7.36
CA GLU B 6 6.51 41.54 6.97
C GLU B 6 6.37 41.23 5.50
N VAL B 7 7.50 41.08 4.80
CA VAL B 7 7.58 40.86 3.38
C VAL B 7 8.10 39.45 3.13
N VAL B 8 7.47 38.74 2.19
CA VAL B 8 7.84 37.39 1.81
C VAL B 8 7.66 37.27 0.29
N GLY B 9 8.74 37.49 -0.45
CA GLY B 9 8.69 37.62 -1.89
C GLY B 9 7.71 38.71 -2.30
N ASP B 10 6.76 38.37 -3.18
CA ASP B 10 5.73 39.30 -3.62
C ASP B 10 4.54 39.34 -2.66
N PHE B 11 4.66 38.73 -1.48
CA PHE B 11 3.54 38.67 -0.52
C PHE B 11 3.96 39.35 0.77
N GLU B 12 2.98 39.58 1.66
CA GLU B 12 3.20 40.22 2.93
C GLU B 12 2.17 39.71 3.95
N TYR B 13 2.51 39.90 5.23
CA TYR B 13 1.62 39.54 6.32
C TYR B 13 1.95 40.39 7.53
N SER B 14 0.96 40.53 8.42
CA SER B 14 1.16 41.08 9.74
C SER B 14 1.39 39.94 10.73
N LYS B 15 2.32 40.13 11.69
CA LYS B 15 2.55 39.13 12.74
C LYS B 15 1.35 39.04 13.68
N ARG B 16 0.43 40.01 13.59
CA ARG B 16 -0.83 39.99 14.33
C ARG B 16 -1.74 38.87 13.85
N ASP B 17 -1.61 38.48 12.57
CA ASP B 17 -2.65 37.66 11.86
C ASP B 17 -2.29 36.16 11.88
N LEU B 18 -1.93 35.67 13.07
CA LEU B 18 -1.62 34.28 13.30
C LEU B 18 -2.91 33.47 13.11
N VAL B 19 -2.88 32.39 12.30
CA VAL B 19 -4.05 31.52 12.13
C VAL B 19 -3.72 30.07 12.54
N GLY B 20 -2.47 29.75 12.83
CA GLY B 20 -2.14 28.42 13.29
C GLY B 20 -0.67 28.26 13.59
N HIS B 21 -0.33 27.19 14.32
CA HIS B 21 1.03 26.84 14.58
C HIS B 21 1.18 25.36 14.96
N GLY B 22 2.39 24.85 14.80
CA GLY B 22 2.80 23.54 15.24
C GLY B 22 4.22 23.58 15.79
N ALA B 23 4.83 22.40 15.93
CA ALA B 23 6.16 22.27 16.54
C ALA B 23 7.13 23.31 15.97
N PHE B 24 7.23 23.37 14.63
CA PHE B 24 8.36 24.06 14.00
C PHE B 24 7.90 25.22 13.13
N ALA B 25 6.58 25.47 13.04
CA ALA B 25 6.01 26.38 12.05
C ALA B 25 4.92 27.27 12.68
N VAL B 26 4.75 28.47 12.11
CA VAL B 26 3.58 29.31 12.34
C VAL B 26 3.01 29.70 10.98
N VAL B 27 1.71 29.98 10.96
CA VAL B 27 0.99 30.31 9.76
C VAL B 27 0.25 31.61 9.99
N PHE B 28 0.40 32.52 9.05
CA PHE B 28 -0.27 33.81 9.09
C PHE B 28 -1.16 33.95 7.87
N ARG B 29 -2.31 34.61 8.06
CA ARG B 29 -3.06 35.20 6.98
C ARG B 29 -2.19 36.33 6.41
N GLY B 30 -2.01 36.31 5.10
CA GLY B 30 -1.31 37.38 4.42
C GLY B 30 -1.99 37.71 3.12
N ARG B 31 -1.27 38.42 2.24
CA ARG B 31 -1.82 38.83 0.96
C ARG B 31 -0.69 39.14 -0.02
N HIS B 32 -1.02 39.13 -1.30
CA HIS B 32 -0.16 39.64 -2.33
C HIS B 32 -0.01 41.14 -2.13
N ARG B 33 1.21 41.64 -2.34
CA ARG B 33 1.59 43.03 -2.00
C ARG B 33 0.91 44.03 -2.94
N GLN B 34 0.60 43.63 -4.17
CA GLN B 34 -0.05 44.50 -5.16
C GLN B 34 -1.52 44.08 -5.35
N LYS B 35 -1.75 42.80 -5.61
CA LYS B 35 -3.10 42.23 -5.68
C LYS B 35 -3.56 41.87 -4.25
N THR B 36 -3.94 42.90 -3.49
CA THR B 36 -4.05 42.82 -2.05
C THR B 36 -5.33 42.10 -1.61
N ASP B 37 -6.21 41.77 -2.57
CA ASP B 37 -7.41 41.02 -2.26
C ASP B 37 -7.16 39.52 -2.49
N TRP B 38 -5.94 39.17 -2.94
CA TRP B 38 -5.53 37.79 -3.01
C TRP B 38 -4.88 37.39 -1.68
N GLU B 39 -5.71 36.82 -0.79
CA GLU B 39 -5.30 36.39 0.52
C GLU B 39 -4.53 35.07 0.39
N VAL B 40 -3.53 34.87 1.27
CA VAL B 40 -2.73 33.66 1.31
C VAL B 40 -2.51 33.25 2.77
N ALA B 41 -2.10 32.00 2.93
CA ALA B 41 -1.64 31.49 4.19
C ALA B 41 -0.14 31.28 4.09
N ILE B 42 0.62 31.96 4.96
CA ILE B 42 2.06 31.92 4.87
C ILE B 42 2.60 31.16 6.07
N LYS B 43 3.25 30.03 5.79
CA LYS B 43 3.80 29.16 6.81
C LYS B 43 5.29 29.46 6.96
N SER B 44 5.70 29.84 8.16
CA SER B 44 7.07 30.23 8.47
C SER B 44 7.73 29.14 9.33
N ILE B 45 8.84 28.58 8.86
CA ILE B 45 9.54 27.52 9.55
C ILE B 45 10.92 28.03 9.95
N ASN B 46 11.24 27.94 11.25
CA ASN B 46 12.58 28.21 11.75
C ASN B 46 13.54 27.17 11.16
N LYS B 47 14.63 27.66 10.54
CA LYS B 47 15.55 26.81 9.75
C LYS B 47 16.41 25.95 10.69
N LYS B 48 16.86 26.55 11.81
CA LYS B 48 17.69 25.85 12.81
C LYS B 48 16.88 24.71 13.46
N ASN B 49 15.64 24.99 13.84
CA ASN B 49 14.77 24.00 14.47
C ASN B 49 14.50 22.84 13.50
N LEU B 50 14.38 23.14 12.20
CA LEU B 50 14.06 22.12 11.18
C LEU B 50 15.22 21.12 11.05
N SER B 51 16.44 21.64 10.92
CA SER B 51 17.64 20.82 10.65
C SER B 51 17.99 19.92 11.86
N LYS B 52 17.41 20.21 13.04
CA LYS B 52 17.67 19.47 14.28
C LYS B 52 16.70 18.28 14.37
N SER B 53 15.56 18.37 13.67
CA SER B 53 14.54 17.32 13.61
C SER B 53 14.82 16.37 12.44
N GLN B 54 15.75 16.79 11.56
CA GLN B 54 16.15 16.07 10.35
C GLN B 54 14.92 15.84 9.45
N ILE B 55 13.88 16.68 9.61
CA ILE B 55 12.70 16.68 8.72
C ILE B 55 13.11 17.30 7.37
N LEU B 56 12.74 16.60 6.28
CA LEU B 56 13.01 17.06 4.92
C LEU B 56 11.81 17.89 4.47
N LEU B 57 12.04 19.19 4.19
CA LEU B 57 10.96 20.13 3.88
C LEU B 57 10.44 19.85 2.46
N GLY B 58 11.36 19.43 1.59
CA GLY B 58 11.10 19.18 0.17
C GLY B 58 10.11 18.04 -0.06
N LYS B 59 9.89 17.18 0.95
CA LYS B 59 8.81 16.19 0.92
C LYS B 59 7.44 16.89 0.92
N GLU B 60 7.24 17.82 1.86
CA GLU B 60 5.97 18.55 1.92
C GLU B 60 5.72 19.30 0.60
N ILE B 61 6.77 19.98 0.12
CA ILE B 61 6.67 20.81 -1.06
C ILE B 61 6.25 19.93 -2.26
N LYS B 62 6.90 18.78 -2.39
CA LYS B 62 6.68 17.88 -3.51
C LYS B 62 5.27 17.30 -3.42
N ILE B 63 4.86 16.92 -2.22
CA ILE B 63 3.53 16.36 -2.01
C ILE B 63 2.49 17.42 -2.40
N LEU B 64 2.63 18.65 -1.89
CA LEU B 64 1.65 19.70 -2.20
C LEU B 64 1.51 19.90 -3.72
N LYS B 65 2.63 19.87 -4.46
CA LYS B 65 2.62 20.02 -5.95
C LYS B 65 1.95 18.81 -6.62
N GLU B 66 2.13 17.61 -6.07
CA GLU B 66 1.63 16.40 -6.71
C GLU B 66 0.13 16.22 -6.40
N LEU B 67 -0.36 16.90 -5.34
CA LEU B 67 -1.74 16.71 -4.83
C LEU B 67 -2.66 17.84 -5.30
N GLN B 68 -2.18 18.70 -6.22
CA GLN B 68 -2.97 19.81 -6.81
C GLN B 68 -4.41 19.37 -7.12
N HIS B 69 -5.38 20.03 -6.45
CA HIS B 69 -6.82 19.61 -6.41
C HIS B 69 -7.64 20.63 -5.59
N GLU B 70 -8.92 20.74 -5.91
CA GLU B 70 -9.79 21.80 -5.33
C GLU B 70 -10.10 21.55 -3.82
N ASN B 71 -9.85 20.35 -3.31
CA ASN B 71 -10.10 20.07 -1.89
C ASN B 71 -8.78 19.85 -1.16
N ILE B 72 -7.69 20.36 -1.73
CA ILE B 72 -6.38 20.35 -1.12
C ILE B 72 -5.74 21.73 -1.29
N VAL B 73 -5.22 22.28 -0.18
CA VAL B 73 -4.63 23.60 -0.24
C VAL B 73 -3.53 23.61 -1.31
N ALA B 74 -3.54 24.68 -2.11
CA ALA B 74 -2.53 24.88 -3.17
C ALA B 74 -1.27 25.52 -2.57
N LEU B 75 -0.14 25.25 -3.21
CA LEU B 75 1.16 25.89 -2.89
C LEU B 75 1.50 26.86 -4.01
N TYR B 76 1.74 28.11 -3.67
CA TYR B 76 1.94 29.15 -4.68
C TYR B 76 3.44 29.51 -4.81
N ASP B 77 4.18 29.48 -3.70
CA ASP B 77 5.55 29.92 -3.71
C ASP B 77 6.32 29.40 -2.49
N VAL B 78 7.65 29.30 -2.67
CA VAL B 78 8.59 29.01 -1.60
C VAL B 78 9.62 30.14 -1.55
N GLN B 79 9.88 30.67 -0.35
CA GLN B 79 10.90 31.70 -0.14
C GLN B 79 11.84 31.24 0.96
N GLU B 80 13.13 31.13 0.62
CA GLU B 80 14.18 30.89 1.60
C GLU B 80 14.76 32.24 2.04
N LEU B 81 14.88 32.41 3.37
CA LEU B 81 15.57 33.53 4.00
C LEU B 81 16.69 32.96 4.85
N PRO B 82 17.62 33.81 5.38
CA PRO B 82 18.70 33.33 6.24
C PRO B 82 18.22 32.55 7.47
N ASN B 83 17.11 32.98 8.06
CA ASN B 83 16.60 32.46 9.35
C ASN B 83 15.48 31.41 9.13
N SER B 84 14.67 31.60 8.09
CA SER B 84 13.37 30.89 7.93
C SER B 84 13.15 30.47 6.46
N VAL B 85 12.30 29.46 6.29
CA VAL B 85 11.73 29.11 5.00
C VAL B 85 10.23 29.37 5.04
N PHE B 86 9.70 29.95 3.97
CA PHE B 86 8.30 30.32 3.90
C PHE B 86 7.63 29.50 2.80
N LEU B 87 6.46 28.92 3.13
CA LEU B 87 5.54 28.36 2.16
C LEU B 87 4.32 29.29 2.02
N VAL B 88 4.03 29.71 0.79
CA VAL B 88 2.90 30.54 0.51
C VAL B 88 1.81 29.65 -0.09
N MET B 89 0.71 29.47 0.66
CA MET B 89 -0.31 28.54 0.29
C MET B 89 -1.70 29.22 0.24
N GLU B 90 -2.67 28.49 -0.28
CA GLU B 90 -4.07 28.89 -0.33
C GLU B 90 -4.59 29.23 1.06
N TYR B 91 -5.22 30.39 1.21
CA TYR B 91 -5.89 30.77 2.47
C TYR B 91 -7.34 30.27 2.46
N CYS B 92 -7.74 29.65 3.57
CA CYS B 92 -9.10 29.17 3.78
C CYS B 92 -9.83 30.14 4.72
N ASN B 93 -10.76 30.93 4.17
CA ASN B 93 -11.27 32.08 4.91
C ASN B 93 -12.32 31.62 5.95
N GLY B 94 -12.64 30.33 5.97
CA GLY B 94 -13.64 29.80 6.89
C GLY B 94 -13.05 29.20 8.16
N GLY B 95 -11.70 29.17 8.28
CA GLY B 95 -11.05 28.60 9.44
C GLY B 95 -11.17 27.09 9.41
N ASP B 96 -11.16 26.43 10.60
CA ASP B 96 -10.99 24.96 10.65
C ASP B 96 -12.31 24.31 11.06
N LEU B 97 -12.40 23.00 10.88
CA LEU B 97 -13.60 22.25 11.13
C LEU B 97 -13.85 22.24 12.65
N ALA B 98 -12.76 22.28 13.42
CA ALA B 98 -12.86 22.25 14.87
C ALA B 98 -13.75 23.39 15.36
N ASP B 99 -13.51 24.61 14.86
CA ASP B 99 -14.25 25.80 15.30
C ASP B 99 -15.69 25.78 14.77
N TYR B 100 -15.86 25.33 13.53
CA TYR B 100 -17.18 25.15 12.92
C TYR B 100 -18.04 24.21 13.78
N LEU B 101 -17.45 23.10 14.23
CA LEU B 101 -18.10 22.11 15.11
C LEU B 101 -18.40 22.72 16.48
N GLN B 102 -17.47 23.49 17.04
CA GLN B 102 -17.70 24.13 18.32
C GLN B 102 -18.95 25.03 18.23
N ALA B 103 -19.12 25.72 17.10
CA ALA B 103 -20.21 26.65 16.92
C ALA B 103 -21.54 25.96 16.63
N LYS B 104 -21.54 24.77 16.02
CA LYS B 104 -22.78 24.09 15.65
C LYS B 104 -23.18 23.02 16.67
N GLY B 105 -22.22 22.58 17.50
CA GLY B 105 -22.40 21.46 18.39
C GLY B 105 -22.14 20.14 17.68
N THR B 106 -23.11 19.73 16.86
CA THR B 106 -23.04 18.57 16.02
C THR B 106 -23.61 18.93 14.66
N LEU B 107 -23.23 18.17 13.64
CA LEU B 107 -23.73 18.30 12.30
C LEU B 107 -24.83 17.25 12.05
N SER B 108 -25.77 17.61 11.17
CA SER B 108 -26.75 16.67 10.66
C SER B 108 -26.07 15.63 9.79
N GLU B 109 -26.73 14.50 9.58
CA GLU B 109 -26.18 13.47 8.66
C GLU B 109 -26.02 14.04 7.24
N ASP B 110 -26.93 14.90 6.82
CA ASP B 110 -26.87 15.52 5.48
C ASP B 110 -25.64 16.40 5.32
N THR B 111 -25.34 17.16 6.36
CA THR B 111 -24.18 18.03 6.33
C THR B 111 -22.90 17.17 6.36
N ILE B 112 -22.90 16.12 7.17
CA ILE B 112 -21.76 15.23 7.24
C ILE B 112 -21.50 14.67 5.84
N ARG B 113 -22.57 14.24 5.16
CA ARG B 113 -22.44 13.67 3.83
C ARG B 113 -21.83 14.69 2.85
N VAL B 114 -22.23 15.97 2.93
CA VAL B 114 -21.69 16.97 2.00
C VAL B 114 -20.19 17.14 2.26
N PHE B 115 -19.79 17.26 3.52
CA PHE B 115 -18.38 17.46 3.83
C PHE B 115 -17.59 16.22 3.42
N LEU B 116 -18.16 15.04 3.68
CA LEU B 116 -17.47 13.78 3.47
C LEU B 116 -17.26 13.56 1.97
N HIS B 117 -18.23 13.96 1.13
CA HIS B 117 -18.03 13.86 -0.32
CA HIS B 117 -18.04 13.87 -0.33
C HIS B 117 -16.74 14.59 -0.72
N GLN B 118 -16.47 15.73 -0.08
CA GLN B 118 -15.33 16.57 -0.47
C GLN B 118 -14.04 15.97 0.12
N ILE B 119 -14.11 15.52 1.36
CA ILE B 119 -12.96 14.87 2.01
C ILE B 119 -12.55 13.64 1.17
N ALA B 120 -13.55 12.90 0.70
CA ALA B 120 -13.34 11.67 -0.06
C ALA B 120 -12.68 12.00 -1.40
N ALA B 121 -13.09 13.10 -2.02
CA ALA B 121 -12.48 13.54 -3.26
C ALA B 121 -10.98 13.79 -3.04
N ALA B 122 -10.62 14.50 -1.97
CA ALA B 122 -9.23 14.75 -1.62
C ALA B 122 -8.52 13.40 -1.45
N MET B 123 -9.19 12.47 -0.76
CA MET B 123 -8.60 11.19 -0.42
C MET B 123 -8.39 10.34 -1.68
N ARG B 124 -9.21 10.55 -2.72
CA ARG B 124 -9.07 9.84 -3.97
C ARG B 124 -7.74 10.25 -4.64
N ILE B 125 -7.39 11.54 -4.54
CA ILE B 125 -6.12 12.02 -5.11
C ILE B 125 -4.94 11.43 -4.33
N LEU B 126 -4.94 11.57 -3.02
CA LEU B 126 -3.91 10.95 -2.16
C LEU B 126 -3.75 9.45 -2.51
N HIS B 127 -4.88 8.74 -2.62
CA HIS B 127 -4.84 7.33 -2.83
C HIS B 127 -4.15 6.98 -4.15
N SER B 128 -4.40 7.80 -5.17
CA SER B 128 -3.93 7.49 -6.50
C SER B 128 -2.45 7.80 -6.62
N LYS B 129 -1.92 8.64 -5.73
CA LYS B 129 -0.52 8.99 -5.68
C LYS B 129 0.21 8.21 -4.60
N GLY B 130 -0.49 7.30 -3.93
CA GLY B 130 0.08 6.53 -2.80
C GLY B 130 0.65 7.43 -1.70
N ILE B 131 -0.11 8.47 -1.32
CA ILE B 131 0.27 9.34 -0.25
C ILE B 131 -0.69 9.15 0.91
N ILE B 132 -0.15 9.10 2.13
CA ILE B 132 -0.95 9.10 3.32
C ILE B 132 -0.58 10.32 4.16
N HIS B 133 -1.60 10.93 4.77
CA HIS B 133 -1.50 12.22 5.42
C HIS B 133 -0.92 12.01 6.84
N ARG B 134 -1.56 11.09 7.57
CA ARG B 134 -1.15 10.50 8.87
C ARG B 134 -1.54 11.37 10.07
N ASP B 135 -1.98 12.60 9.85
CA ASP B 135 -2.34 13.43 10.96
C ASP B 135 -3.62 14.23 10.68
N LEU B 136 -4.60 13.64 9.99
CA LEU B 136 -5.86 14.31 9.70
C LEU B 136 -6.62 14.54 11.00
N LYS B 137 -7.20 15.72 11.13
CA LYS B 137 -7.91 16.09 12.31
C LYS B 137 -8.73 17.34 12.00
N PRO B 138 -9.67 17.72 12.87
CA PRO B 138 -10.50 18.89 12.61
C PRO B 138 -9.68 20.18 12.46
N GLN B 139 -8.47 20.21 13.03
CA GLN B 139 -7.60 21.41 13.02
C GLN B 139 -6.92 21.62 11.64
N ASN B 140 -6.84 20.59 10.78
CA ASN B 140 -6.22 20.73 9.43
C ASN B 140 -7.20 20.32 8.31
N ILE B 141 -8.48 20.13 8.64
CA ILE B 141 -9.53 20.08 7.67
C ILE B 141 -10.21 21.44 7.66
N LEU B 142 -10.02 22.21 6.58
CA LEU B 142 -10.32 23.65 6.62
C LEU B 142 -11.51 23.96 5.73
N LEU B 143 -12.15 25.11 6.04
CA LEU B 143 -13.31 25.61 5.33
C LEU B 143 -12.94 26.86 4.54
N SER B 144 -13.44 26.90 3.31
CA SER B 144 -13.25 28.01 2.42
C SER B 144 -14.61 28.42 1.85
N TYR B 145 -14.94 29.72 1.92
CA TYR B 145 -16.14 30.29 1.27
C TYR B 145 -15.70 31.16 0.07
N ALA B 146 -16.14 30.80 -1.14
CA ALA B 146 -15.69 31.52 -2.38
C ALA B 146 -16.44 32.84 -2.51
N ASN B 147 -17.74 32.85 -2.16
CA ASN B 147 -18.51 34.06 -1.83
C ASN B 147 -18.83 34.05 -0.33
N ARG B 148 -18.36 35.08 0.39
CA ARG B 148 -18.63 35.22 1.85
C ARG B 148 -20.14 35.49 2.06
N ARG B 149 -20.84 35.89 0.99
CA ARG B 149 -22.33 36.03 0.99
C ARG B 149 -22.99 34.65 1.09
N LYS B 150 -22.58 33.71 0.22
CA LYS B 150 -23.09 32.31 0.21
C LYS B 150 -22.46 31.54 1.39
N SER B 151 -23.07 31.71 2.58
CA SER B 151 -22.50 31.32 3.87
C SER B 151 -23.21 30.07 4.44
N SER B 152 -24.11 29.47 3.66
CA SER B 152 -24.72 28.20 4.02
C SER B 152 -23.75 27.03 3.74
N VAL B 153 -24.14 25.82 4.18
CA VAL B 153 -23.37 24.56 3.98
C VAL B 153 -22.94 24.42 2.49
N SER B 154 -23.85 24.76 1.58
CA SER B 154 -23.65 24.58 0.14
C SER B 154 -22.55 25.51 -0.42
N GLY B 155 -22.15 26.54 0.35
CA GLY B 155 -21.06 27.47 -0.04
C GLY B 155 -19.70 27.09 0.55
N ILE B 156 -19.65 26.00 1.35
CA ILE B 156 -18.43 25.62 1.99
C ILE B 156 -17.70 24.67 1.06
N ARG B 157 -16.41 24.96 0.83
CA ARG B 157 -15.52 24.04 0.19
C ARG B 157 -14.47 23.60 1.21
N ILE B 158 -14.30 22.29 1.33
CA ILE B 158 -13.37 21.67 2.26
C ILE B 158 -12.01 21.59 1.60
N LYS B 159 -10.96 21.89 2.35
CA LYS B 159 -9.61 21.77 1.87
C LYS B 159 -8.72 21.15 2.96
N ILE B 160 -8.03 20.06 2.61
CA ILE B 160 -7.12 19.37 3.50
C ILE B 160 -5.80 20.15 3.52
N ALA B 161 -5.20 20.27 4.70
CA ALA B 161 -3.97 21.03 4.87
C ALA B 161 -3.00 20.26 5.78
N ASP B 162 -1.77 20.75 5.79
CA ASP B 162 -0.66 20.33 6.65
C ASP B 162 -0.24 18.90 6.31
N PHE B 163 0.62 18.78 5.29
CA PHE B 163 1.12 17.49 4.84
C PHE B 163 2.51 17.24 5.43
N GLY B 164 2.85 17.99 6.49
CA GLY B 164 4.13 17.91 7.15
C GLY B 164 4.47 16.53 7.66
N PHE B 165 3.47 15.69 7.97
CA PHE B 165 3.75 14.36 8.56
C PHE B 165 3.36 13.27 7.55
N ALA B 166 3.10 13.67 6.31
CA ALA B 166 2.67 12.74 5.25
C ALA B 166 3.86 11.95 4.69
N ARG B 167 3.56 10.82 4.03
CA ARG B 167 4.59 9.96 3.51
C ARG B 167 4.09 9.24 2.24
N TYR B 168 5.04 8.82 1.39
CA TYR B 168 4.74 8.00 0.20
C TYR B 168 4.78 6.53 0.57
N LEU B 169 3.77 5.75 0.13
CA LEU B 169 3.81 4.30 0.09
C LEU B 169 4.72 3.90 -1.06
N HIS B 170 5.38 2.75 -0.94
CA HIS B 170 6.25 2.26 -2.01
C HIS B 170 5.96 0.77 -2.28
N SER B 171 6.09 0.39 -3.57
CA SER B 171 5.65 -0.92 -4.15
C SER B 171 4.21 -1.26 -3.69
N PRO B 182 14.62 -11.28 0.18
CA PRO B 182 14.35 -10.43 1.35
C PRO B 182 14.96 -10.98 2.66
N MET B 183 15.86 -11.94 2.54
CA MET B 183 16.18 -12.87 3.59
C MET B 183 17.03 -12.18 4.66
N TYR B 184 17.59 -11.01 4.35
CA TYR B 184 18.46 -10.29 5.24
C TYR B 184 17.75 -9.08 5.84
N MET B 185 16.51 -8.85 5.41
CA MET B 185 15.72 -7.72 5.86
C MET B 185 15.05 -8.08 7.19
N ALA B 186 15.00 -7.13 8.12
CA ALA B 186 14.44 -7.40 9.44
C ALA B 186 12.97 -7.81 9.33
N PRO B 187 12.51 -8.79 10.14
CA PRO B 187 11.12 -9.24 10.07
C PRO B 187 10.09 -8.11 10.25
N GLU B 188 10.39 -7.17 11.15
CA GLU B 188 9.48 -6.11 11.46
C GLU B 188 9.35 -5.16 10.25
N VAL B 189 10.41 -5.04 9.45
CA VAL B 189 10.36 -4.23 8.24
C VAL B 189 9.59 -4.95 7.14
N ILE B 190 9.83 -6.24 6.94
CA ILE B 190 9.14 -7.03 5.92
C ILE B 190 7.65 -7.02 6.20
N MET B 191 7.27 -7.11 7.49
CA MET B 191 5.88 -7.34 7.89
C MET B 191 5.11 -6.01 7.97
N SER B 192 5.82 -4.88 8.06
CA SER B 192 5.19 -3.59 8.15
C SER B 192 5.39 -2.79 6.87
N GLN B 193 5.31 -3.45 5.71
CA GLN B 193 5.22 -2.72 4.45
C GLN B 193 3.74 -2.43 4.19
N HIS B 194 3.41 -1.14 4.04
CA HIS B 194 2.03 -0.63 3.93
C HIS B 194 1.26 -0.85 5.23
N TYR B 195 1.90 -0.74 6.39
CA TYR B 195 1.21 -1.02 7.64
C TYR B 195 0.23 0.12 7.95
N ASP B 196 0.54 1.32 7.45
CA ASP B 196 -0.23 2.54 7.77
C ASP B 196 -1.00 3.01 6.53
N ALA B 197 -1.22 2.11 5.57
CA ALA B 197 -1.87 2.44 4.28
C ALA B 197 -3.28 2.96 4.51
N LYS B 198 -3.92 2.53 5.60
CA LYS B 198 -5.30 2.90 5.90
C LYS B 198 -5.38 3.86 7.10
N ALA B 199 -4.28 4.50 7.50
CA ALA B 199 -4.26 5.41 8.61
C ALA B 199 -5.35 6.48 8.45
N ASP B 200 -5.45 7.08 7.27
CA ASP B 200 -6.30 8.23 7.09
C ASP B 200 -7.78 7.81 7.21
N LEU B 201 -8.07 6.55 6.90
CA LEU B 201 -9.43 6.08 6.94
C LEU B 201 -9.91 6.06 8.40
N TRP B 202 -9.04 5.63 9.32
CA TRP B 202 -9.36 5.67 10.76
C TRP B 202 -9.62 7.13 11.16
N SER B 203 -8.75 8.02 10.74
CA SER B 203 -8.81 9.45 11.11
C SER B 203 -10.15 10.06 10.68
N ILE B 204 -10.54 9.79 9.45
CA ILE B 204 -11.74 10.27 8.87
C ILE B 204 -12.92 9.74 9.69
N GLY B 205 -12.81 8.48 10.14
CA GLY B 205 -13.75 7.88 11.06
C GLY B 205 -13.89 8.68 12.34
N THR B 206 -12.77 9.08 12.93
CA THR B 206 -12.79 9.82 14.20
C THR B 206 -13.44 11.20 13.99
N VAL B 207 -13.25 11.76 12.79
CA VAL B 207 -13.73 13.11 12.49
C VAL B 207 -15.24 13.07 12.23
N ILE B 208 -15.69 12.10 11.46
CA ILE B 208 -17.11 11.89 11.24
C ILE B 208 -17.80 11.67 12.58
N TYR B 209 -17.23 10.80 13.41
CA TYR B 209 -17.83 10.46 14.66
C TYR B 209 -17.99 11.75 15.48
N GLN B 210 -16.98 12.61 15.47
CA GLN B 210 -17.02 13.85 16.24
C GLN B 210 -18.08 14.82 15.67
N CYS B 211 -18.25 14.83 14.35
CA CYS B 211 -19.30 15.64 13.74
C CYS B 211 -20.68 15.18 14.24
N LEU B 212 -20.88 13.86 14.32
CA LEU B 212 -22.18 13.26 14.66
C LEU B 212 -22.46 13.40 16.16
N VAL B 213 -21.46 13.16 16.98
CA VAL B 213 -21.68 12.90 18.40
C VAL B 213 -21.26 14.11 19.24
N GLY B 214 -20.33 14.91 18.76
CA GLY B 214 -19.88 16.11 19.48
C GLY B 214 -18.61 15.87 20.29
N LYS B 215 -18.04 14.67 20.24
CA LYS B 215 -16.77 14.39 20.89
C LYS B 215 -16.06 13.28 20.11
N PRO B 216 -14.75 13.10 20.28
CA PRO B 216 -14.04 12.03 19.61
C PRO B 216 -14.43 10.69 20.23
N PRO B 217 -14.27 9.56 19.51
CA PRO B 217 -14.79 8.28 19.98
C PRO B 217 -13.97 7.67 21.11
N PHE B 218 -12.70 8.04 21.23
CA PHE B 218 -11.81 7.51 22.26
C PHE B 218 -10.99 8.65 22.86
N GLN B 219 -11.49 9.22 23.95
CA GLN B 219 -10.84 10.32 24.68
C GLN B 219 -9.79 9.75 25.65
N ALA B 220 -8.86 10.61 26.05
CA ALA B 220 -7.70 10.26 26.86
C ALA B 220 -7.01 11.56 27.28
N ASN B 221 -6.51 11.58 28.52
CA ASN B 221 -5.97 12.78 29.16
C ASN B 221 -4.60 13.15 28.57
N SER B 222 -3.96 12.24 27.82
CA SER B 222 -2.59 12.44 27.29
C SER B 222 -2.31 11.49 26.13
N PRO B 223 -1.22 11.69 25.36
CA PRO B 223 -0.73 10.68 24.42
C PRO B 223 -0.37 9.32 25.04
N GLN B 224 0.11 9.34 26.30
CA GLN B 224 0.46 8.12 27.04
C GLN B 224 -0.77 7.21 27.18
N ASP B 225 -1.84 7.76 27.76
CA ASP B 225 -3.08 7.03 28.05
C ASP B 225 -3.62 6.41 26.75
N LEU B 226 -3.69 7.23 25.69
CA LEU B 226 -4.26 6.80 24.44
C LEU B 226 -3.43 5.68 23.81
N ARG B 227 -2.09 5.79 23.85
CA ARG B 227 -1.25 4.72 23.34
C ARG B 227 -1.63 3.41 24.07
N MET B 228 -1.57 3.42 25.41
CA MET B 228 -1.78 2.22 26.23
C MET B 228 -3.19 1.66 26.04
N PHE B 229 -4.21 2.54 26.05
CA PHE B 229 -5.59 2.14 25.83
C PHE B 229 -5.68 1.35 24.50
N TYR B 230 -4.93 1.79 23.49
CA TYR B 230 -4.93 1.15 22.14
C TYR B 230 -4.11 -0.15 22.17
N GLU B 231 -3.04 -0.17 22.96
CA GLU B 231 -2.19 -1.40 23.13
C GLU B 231 -2.99 -2.50 23.81
N LYS B 232 -3.74 -2.13 24.86
CA LYS B 232 -4.39 -3.10 25.79
C LYS B 232 -5.69 -3.62 25.18
N ASN B 233 -6.51 -2.71 24.66
CA ASN B 233 -7.78 -3.06 24.03
C ASN B 233 -7.52 -3.39 22.55
N ARG B 234 -7.50 -4.69 22.23
CA ARG B 234 -7.18 -5.20 20.88
C ARG B 234 -8.42 -5.12 19.97
N SER B 235 -9.58 -4.79 20.58
CA SER B 235 -10.85 -4.61 19.86
C SER B 235 -11.61 -3.41 20.46
N LEU B 236 -11.78 -2.37 19.65
CA LEU B 236 -12.41 -1.16 20.06
C LEU B 236 -13.74 -1.06 19.32
N MET B 237 -14.82 -0.89 20.09
CA MET B 237 -16.12 -0.55 19.50
C MET B 237 -16.48 0.88 19.87
N PRO B 238 -16.63 1.79 18.88
CA PRO B 238 -17.17 3.11 19.17
C PRO B 238 -18.62 3.01 19.67
N SER B 239 -19.00 3.89 20.59
CA SER B 239 -20.38 3.99 20.99
C SER B 239 -21.16 4.83 19.97
N ILE B 240 -22.04 4.19 19.20
CA ILE B 240 -22.82 4.82 18.13
C ILE B 240 -24.21 5.12 18.66
N PRO B 241 -24.72 6.37 18.63
CA PRO B 241 -26.10 6.62 19.05
C PRO B 241 -27.11 5.79 18.25
N ARG B 242 -28.17 5.30 18.90
CA ARG B 242 -29.26 4.47 18.31
C ARG B 242 -29.92 5.20 17.12
N GLU B 243 -30.00 6.54 17.18
CA GLU B 243 -30.62 7.42 16.15
C GLU B 243 -29.82 7.44 14.83
N THR B 244 -28.52 7.06 14.89
CA THR B 244 -27.65 7.05 13.73
C THR B 244 -28.26 6.16 12.63
N SER B 245 -28.29 6.65 11.41
CA SER B 245 -28.82 5.89 10.30
C SER B 245 -28.02 4.60 10.14
N PRO B 246 -28.65 3.51 9.69
CA PRO B 246 -27.93 2.27 9.40
C PRO B 246 -26.64 2.48 8.62
N TYR B 247 -26.71 3.27 7.54
CA TYR B 247 -25.57 3.37 6.64
C TYR B 247 -24.41 4.11 7.33
N LEU B 248 -24.72 5.16 8.07
CA LEU B 248 -23.64 5.92 8.70
C LEU B 248 -23.01 5.11 9.83
N ALA B 249 -23.81 4.26 10.50
CA ALA B 249 -23.29 3.43 11.59
C ALA B 249 -22.35 2.38 11.00
N ASN B 250 -22.76 1.82 9.88
CA ASN B 250 -22.00 0.86 9.17
C ASN B 250 -20.64 1.48 8.77
N LEU B 251 -20.68 2.69 8.22
CA LEU B 251 -19.49 3.40 7.81
C LEU B 251 -18.58 3.62 9.03
N LEU B 252 -19.16 4.07 10.13
CA LEU B 252 -18.37 4.36 11.33
C LEU B 252 -17.70 3.08 11.85
N LEU B 253 -18.46 1.98 11.91
CA LEU B 253 -17.94 0.71 12.47
C LEU B 253 -16.80 0.18 11.58
N GLY B 254 -16.93 0.36 10.26
CA GLY B 254 -15.90 -0.08 9.31
C GLY B 254 -14.61 0.76 9.36
N LEU B 255 -14.73 2.08 9.54
CA LEU B 255 -13.59 2.95 9.64
C LEU B 255 -12.91 2.79 10.98
N LEU B 256 -13.69 2.66 12.05
CA LEU B 256 -13.12 2.70 13.39
C LEU B 256 -12.79 1.26 13.84
N GLN B 257 -12.08 0.53 12.98
CA GLN B 257 -11.48 -0.77 13.29
C GLN B 257 -10.04 -0.55 13.73
N ARG B 258 -9.72 -0.96 14.97
CA ARG B 258 -8.37 -0.82 15.51
C ARG B 258 -7.32 -1.48 14.60
N ASN B 259 -7.67 -2.64 14.02
CA ASN B 259 -6.72 -3.36 13.21
C ASN B 259 -6.95 -3.09 11.73
N GLN B 260 -5.90 -2.59 11.08
CA GLN B 260 -5.93 -2.14 9.70
C GLN B 260 -6.48 -3.25 8.79
N LYS B 261 -6.18 -4.51 9.11
CA LYS B 261 -6.54 -5.64 8.27
C LYS B 261 -8.05 -5.81 8.25
N ASP B 262 -8.73 -5.37 9.31
CA ASP B 262 -10.20 -5.46 9.44
C ASP B 262 -10.88 -4.16 9.00
N ARG B 263 -10.10 -3.10 8.77
CA ARG B 263 -10.64 -1.76 8.47
C ARG B 263 -11.09 -1.69 7.00
N MET B 264 -12.20 -1.04 6.78
CA MET B 264 -12.68 -0.70 5.48
C MET B 264 -11.52 -0.18 4.62
N ASP B 265 -11.44 -0.61 3.35
CA ASP B 265 -10.43 -0.06 2.42
C ASP B 265 -11.02 1.09 1.61
N PHE B 266 -10.18 1.76 0.81
CA PHE B 266 -10.52 2.97 0.13
C PHE B 266 -11.71 2.78 -0.82
N GLU B 267 -11.72 1.71 -1.59
CA GLU B 267 -12.75 1.54 -2.63
C GLU B 267 -14.10 1.37 -1.97
N ALA B 268 -14.11 0.70 -0.82
CA ALA B 268 -15.31 0.46 -0.06
C ALA B 268 -15.81 1.80 0.55
N PHE B 269 -14.86 2.61 1.02
CA PHE B 269 -15.13 3.93 1.53
C PHE B 269 -15.66 4.84 0.42
N PHE B 270 -14.99 4.88 -0.75
CA PHE B 270 -15.39 5.78 -1.81
C PHE B 270 -16.80 5.41 -2.28
N SER B 271 -17.13 4.12 -2.29
CA SER B 271 -18.42 3.69 -2.83
C SER B 271 -19.47 3.41 -1.73
N HIS B 272 -19.19 3.80 -0.49
CA HIS B 272 -20.05 3.44 0.61
C HIS B 272 -21.44 4.03 0.39
N PRO B 273 -22.51 3.26 0.66
CA PRO B 273 -23.86 3.74 0.39
C PRO B 273 -24.25 5.00 1.14
N PHE B 274 -23.54 5.37 2.19
CA PHE B 274 -23.84 6.61 2.90
C PHE B 274 -23.50 7.81 2.00
N LEU B 275 -22.43 7.70 1.23
CA LEU B 275 -21.96 8.74 0.33
C LEU B 275 -22.80 8.73 -0.94
N GLU B 276 -23.14 7.52 -1.44
CA GLU B 276 -23.87 7.33 -2.71
C GLU B 276 -25.32 7.79 -2.57
N GLN B 277 -25.74 8.20 -1.37
CA GLN B 277 -27.04 8.87 -1.12
C GLN B 277 -26.90 10.36 -1.43
N GLY B 278 -27.97 11.12 -1.10
CA GLY B 278 -27.86 12.54 -0.83
C GLY B 278 -28.39 13.39 -1.96
N GLY C 3 35.39 1.91 -26.20
CA GLY C 3 34.99 2.80 -27.33
C GLY C 3 34.25 4.03 -26.83
N SER C 4 32.97 4.16 -27.23
CA SER C 4 32.04 5.26 -26.84
C SER C 4 31.87 5.33 -25.30
N MET C 5 32.21 6.49 -24.72
CA MET C 5 32.03 6.76 -23.28
C MET C 5 30.80 7.66 -23.05
N GLU C 6 30.50 7.91 -21.77
CA GLU C 6 29.54 8.93 -21.31
C GLU C 6 30.23 9.84 -20.30
N VAL C 7 29.83 11.11 -20.26
CA VAL C 7 30.51 12.14 -19.47
C VAL C 7 29.56 12.59 -18.35
N VAL C 8 30.09 12.73 -17.14
CA VAL C 8 29.31 13.11 -15.97
C VAL C 8 30.18 14.04 -15.13
N GLY C 9 30.03 15.34 -15.34
CA GLY C 9 30.90 16.34 -14.74
C GLY C 9 32.34 16.07 -15.09
N ASP C 10 33.21 15.98 -14.08
CA ASP C 10 34.66 15.69 -14.27
C ASP C 10 34.91 14.19 -14.38
N PHE C 11 33.84 13.37 -14.47
CA PHE C 11 33.96 11.91 -14.50
C PHE C 11 33.37 11.38 -15.81
N GLU C 12 33.58 10.09 -16.08
CA GLU C 12 33.05 9.41 -17.25
C GLU C 12 32.87 7.90 -16.95
N TYR C 13 32.06 7.24 -17.77
CA TYR C 13 31.83 5.79 -17.65
C TYR C 13 31.41 5.23 -19.01
N SER C 14 31.64 3.93 -19.18
CA SER C 14 31.08 3.16 -20.28
C SER C 14 29.79 2.49 -19.83
N LYS C 15 28.79 2.47 -20.70
CA LYS C 15 27.51 1.82 -20.43
C LYS C 15 27.70 0.30 -20.35
N ARG C 16 28.86 -0.20 -20.82
CA ARG C 16 29.21 -1.62 -20.73
C ARG C 16 29.47 -2.03 -19.27
N ASP C 17 29.87 -1.08 -18.42
CA ASP C 17 30.51 -1.39 -17.10
C ASP C 17 29.48 -1.33 -15.95
N LEU C 18 28.38 -2.05 -16.15
CA LEU C 18 27.34 -2.24 -15.15
C LEU C 18 27.94 -2.99 -13.95
N VAL C 19 27.76 -2.47 -12.73
CA VAL C 19 28.18 -3.20 -11.50
C VAL C 19 26.99 -3.45 -10.57
N GLY C 20 25.81 -2.91 -10.88
CA GLY C 20 24.63 -3.20 -10.08
C GLY C 20 23.44 -2.34 -10.47
N HIS C 21 22.26 -2.73 -9.98
CA HIS C 21 21.03 -2.06 -10.34
C HIS C 21 19.94 -2.38 -9.31
N GLY C 22 18.92 -1.51 -9.28
CA GLY C 22 17.72 -1.69 -8.49
C GLY C 22 16.52 -1.13 -9.23
N ALA C 23 15.44 -0.86 -8.49
CA ALA C 23 14.14 -0.49 -9.06
C ALA C 23 14.32 0.57 -10.16
N PHE C 24 14.96 1.69 -9.84
CA PHE C 24 14.89 2.90 -10.70
C PHE C 24 16.29 3.34 -11.15
N ALA C 25 17.32 2.57 -10.77
CA ALA C 25 18.74 3.03 -10.83
C ALA C 25 19.63 1.91 -11.39
N VAL C 26 20.71 2.33 -12.05
CA VAL C 26 21.83 1.49 -12.39
C VAL C 26 23.10 2.17 -11.91
N VAL C 27 24.14 1.35 -11.67
CA VAL C 27 25.42 1.80 -11.19
C VAL C 27 26.47 1.27 -12.16
N PHE C 28 27.36 2.16 -12.57
CA PHE C 28 28.44 1.83 -13.45
C PHE C 28 29.77 2.12 -12.74
N ARG C 29 30.76 1.28 -13.01
CA ARG C 29 32.14 1.62 -12.78
C ARG C 29 32.47 2.74 -13.77
N GLY C 30 33.05 3.83 -13.26
CA GLY C 30 33.55 4.90 -14.07
C GLY C 30 34.88 5.40 -13.55
N ARG C 31 35.28 6.59 -13.99
CA ARG C 31 36.55 7.14 -13.59
C ARG C 31 36.58 8.66 -13.78
N HIS C 32 37.49 9.30 -13.06
CA HIS C 32 37.83 10.67 -13.29
C HIS C 32 38.45 10.79 -14.70
N ARG C 33 38.10 11.86 -15.40
CA ARG C 33 38.40 12.00 -16.83
C ARG C 33 39.88 12.28 -17.07
N GLN C 34 40.57 12.88 -16.08
CA GLN C 34 42.03 13.08 -16.15
C GLN C 34 42.76 12.03 -15.30
N LYS C 35 42.36 11.91 -14.03
CA LYS C 35 42.93 10.97 -13.10
C LYS C 35 42.19 9.63 -13.24
N THR C 36 42.53 8.88 -14.30
CA THR C 36 41.71 7.78 -14.80
C THR C 36 41.85 6.53 -13.93
N ASP C 37 42.77 6.54 -12.96
CA ASP C 37 42.88 5.41 -12.02
C ASP C 37 42.12 5.75 -10.73
N TRP C 38 41.48 6.92 -10.69
CA TRP C 38 40.47 7.21 -9.68
C TRP C 38 39.13 6.69 -10.18
N GLU C 39 38.83 5.43 -9.81
CA GLU C 39 37.62 4.76 -10.16
C GLU C 39 36.48 5.31 -9.30
N VAL C 40 35.28 5.38 -9.87
CA VAL C 40 34.08 5.81 -9.13
C VAL C 40 32.92 4.90 -9.52
N ALA C 41 31.91 4.91 -8.65
CA ALA C 41 30.68 4.20 -8.89
C ALA C 41 29.60 5.25 -9.15
N ILE C 42 29.02 5.20 -10.35
CA ILE C 42 28.12 6.25 -10.80
C ILE C 42 26.73 5.65 -10.88
N LYS C 43 25.83 6.19 -10.05
CA LYS C 43 24.45 5.75 -9.96
C LYS C 43 23.58 6.66 -10.83
N SER C 44 22.90 6.06 -11.80
CA SER C 44 22.09 6.76 -12.79
C SER C 44 20.62 6.47 -12.53
N ILE C 45 19.83 7.52 -12.32
CA ILE C 45 18.36 7.37 -12.18
C ILE C 45 17.67 8.03 -13.37
N ASN C 46 16.75 7.32 -14.06
CA ASN C 46 16.00 7.86 -15.26
C ASN C 46 14.70 8.57 -14.82
N LYS C 47 14.55 9.84 -15.23
CA LYS C 47 13.45 10.73 -14.74
C LYS C 47 12.08 10.13 -15.05
N ILE C 55 10.97 8.74 -6.06
CA ILE C 55 11.94 9.84 -6.05
C ILE C 55 12.50 10.00 -4.62
N LEU C 56 12.47 11.24 -4.09
CA LEU C 56 13.24 11.65 -2.92
C LEU C 56 14.66 11.03 -2.98
N LEU C 57 15.41 11.40 -4.02
CA LEU C 57 16.86 11.14 -4.12
C LEU C 57 17.60 11.97 -3.07
N GLY C 58 17.07 13.17 -2.77
CA GLY C 58 17.64 14.14 -1.83
C GLY C 58 17.76 13.62 -0.39
N LYS C 59 16.96 12.60 -0.06
CA LYS C 59 17.12 11.84 1.21
C LYS C 59 18.47 11.11 1.21
N GLU C 60 18.75 10.34 0.15
CA GLU C 60 20.01 9.58 0.05
C GLU C 60 21.20 10.54 0.05
N ILE C 61 21.07 11.66 -0.69
CA ILE C 61 22.16 12.63 -0.80
C ILE C 61 22.49 13.14 0.60
N LYS C 62 21.45 13.54 1.34
CA LYS C 62 21.62 14.15 2.64
C LYS C 62 22.18 13.12 3.62
N ILE C 63 21.68 11.89 3.56
CA ILE C 63 22.16 10.84 4.43
C ILE C 63 23.66 10.59 4.14
N LEU C 64 24.02 10.43 2.88
CA LEU C 64 25.42 10.10 2.54
C LEU C 64 26.36 11.21 3.05
N LYS C 65 25.94 12.48 2.96
CA LYS C 65 26.74 13.63 3.46
C LYS C 65 26.83 13.59 5.00
N GLU C 66 25.77 13.18 5.67
CA GLU C 66 25.73 13.21 7.13
C GLU C 66 26.48 11.98 7.71
N LEU C 67 26.70 10.94 6.89
CA LEU C 67 27.26 9.66 7.33
C LEU C 67 28.75 9.55 6.93
N GLN C 68 29.35 10.64 6.47
CA GLN C 68 30.73 10.64 5.94
C GLN C 68 31.68 9.89 6.91
N HIS C 69 32.30 8.81 6.42
CA HIS C 69 33.04 7.84 7.29
C HIS C 69 33.81 6.82 6.44
N GLU C 70 34.91 6.29 6.97
CA GLU C 70 35.79 5.38 6.16
C GLU C 70 35.13 4.03 5.84
N ASN C 71 34.05 3.65 6.54
CA ASN C 71 33.37 2.38 6.27
C ASN C 71 31.98 2.66 5.67
N ILE C 72 31.81 3.84 5.07
CA ILE C 72 30.62 4.22 4.35
C ILE C 72 31.04 4.90 3.04
N VAL C 73 30.47 4.45 1.93
CA VAL C 73 30.81 4.99 0.64
C VAL C 73 30.63 6.52 0.68
N ALA C 74 31.63 7.22 0.15
CA ALA C 74 31.60 8.68 0.03
C ALA C 74 30.79 9.09 -1.21
N LEU C 75 30.19 10.29 -1.13
CA LEU C 75 29.56 10.95 -2.26
C LEU C 75 30.48 12.09 -2.73
N TYR C 76 30.84 12.07 -4.01
CA TYR C 76 31.81 13.03 -4.53
C TYR C 76 31.09 14.17 -5.27
N ASP C 77 30.03 13.81 -6.01
CA ASP C 77 29.39 14.76 -6.87
C ASP C 77 27.98 14.30 -7.23
N VAL C 78 27.14 15.29 -7.53
CA VAL C 78 25.81 15.08 -8.07
C VAL C 78 25.72 15.89 -9.37
N GLN C 79 25.24 15.24 -10.43
CA GLN C 79 25.02 15.89 -11.72
C GLN C 79 23.59 15.63 -12.17
N GLU C 80 22.83 16.72 -12.33
CA GLU C 80 21.50 16.69 -12.86
C GLU C 80 21.58 16.97 -14.37
N LEU C 81 20.89 16.12 -15.14
CA LEU C 81 20.67 16.30 -16.58
C LEU C 81 19.16 16.34 -16.82
N PRO C 82 18.69 16.69 -18.04
CA PRO C 82 17.25 16.74 -18.33
C PRO C 82 16.53 15.39 -18.07
N ASN C 83 17.21 14.28 -18.40
CA ASN C 83 16.62 12.92 -18.38
C ASN C 83 16.99 12.16 -17.09
N SER C 84 18.20 12.42 -16.56
CA SER C 84 18.82 11.56 -15.51
C SER C 84 19.48 12.40 -14.42
N VAL C 85 19.54 11.84 -13.21
CA VAL C 85 20.38 12.35 -12.14
C VAL C 85 21.49 11.32 -11.87
N PHE C 86 22.72 11.81 -11.69
CA PHE C 86 23.86 10.96 -11.44
C PHE C 86 24.43 11.28 -10.06
N LEU C 87 24.67 10.23 -9.26
CA LEU C 87 25.47 10.28 -8.03
C LEU C 87 26.83 9.62 -8.30
N VAL C 88 27.91 10.36 -8.06
CA VAL C 88 29.25 9.89 -8.21
C VAL C 88 29.80 9.56 -6.83
N MET C 89 30.02 8.27 -6.58
CA MET C 89 30.33 7.79 -5.25
C MET C 89 31.59 6.93 -5.28
N GLU C 90 32.10 6.60 -4.08
CA GLU C 90 33.28 5.80 -3.88
C GLU C 90 33.06 4.43 -4.53
N TYR C 91 33.99 4.04 -5.40
CA TYR C 91 33.99 2.72 -6.01
C TYR C 91 34.77 1.77 -5.10
N CYS C 92 34.18 0.60 -4.86
CA CYS C 92 34.75 -0.44 -4.05
C CYS C 92 35.26 -1.54 -4.99
N ASN C 93 36.58 -1.63 -5.13
CA ASN C 93 37.16 -2.38 -6.22
C ASN C 93 37.11 -3.88 -5.93
N GLY C 94 36.66 -4.25 -4.73
CA GLY C 94 36.57 -5.65 -4.33
C GLY C 94 35.20 -6.27 -4.57
N GLY C 95 34.23 -5.48 -5.02
CA GLY C 95 32.87 -5.98 -5.20
C GLY C 95 32.18 -6.11 -3.86
N ASP C 96 31.23 -7.06 -3.75
CA ASP C 96 30.34 -7.18 -2.60
C ASP C 96 30.73 -8.41 -1.76
N LEU C 97 30.17 -8.51 -0.55
CA LEU C 97 30.47 -9.56 0.37
C LEU C 97 29.94 -10.89 -0.18
N ALA C 98 28.83 -10.82 -0.92
CA ALA C 98 28.26 -12.02 -1.52
C ALA C 98 29.29 -12.79 -2.37
N ASP C 99 29.99 -12.05 -3.22
CA ASP C 99 30.97 -12.62 -4.18
C ASP C 99 32.23 -13.06 -3.40
N TYR C 100 32.63 -12.26 -2.40
CA TYR C 100 33.77 -12.59 -1.54
C TYR C 100 33.53 -13.97 -0.88
N LEU C 101 32.30 -14.18 -0.38
CA LEU C 101 31.90 -15.46 0.24
C LEU C 101 31.95 -16.60 -0.81
N GLN C 102 31.43 -16.34 -2.01
CA GLN C 102 31.46 -17.36 -3.05
C GLN C 102 32.91 -17.81 -3.33
N ALA C 103 33.85 -16.85 -3.34
CA ALA C 103 35.26 -17.11 -3.64
C ALA C 103 36.01 -17.81 -2.47
N LYS C 104 35.64 -17.54 -1.21
CA LYS C 104 36.46 -17.95 -0.05
C LYS C 104 35.78 -19.07 0.73
N GLY C 105 34.50 -19.30 0.44
CA GLY C 105 33.73 -20.33 1.13
C GLY C 105 33.07 -19.80 2.39
N THR C 106 33.65 -20.13 3.55
CA THR C 106 33.14 -19.69 4.81
C THR C 106 34.30 -19.18 5.64
N LEU C 107 34.01 -18.14 6.40
CA LEU C 107 35.03 -17.33 6.97
C LEU C 107 35.34 -17.87 8.36
N SER C 108 36.60 -17.75 8.76
CA SER C 108 36.98 -18.00 10.12
C SER C 108 36.30 -16.99 11.06
N GLU C 109 36.18 -17.34 12.33
CA GLU C 109 35.69 -16.46 13.35
C GLU C 109 36.55 -15.19 13.41
N ASP C 110 37.87 -15.32 13.23
CA ASP C 110 38.82 -14.21 13.29
C ASP C 110 38.58 -13.22 12.14
N THR C 111 38.30 -13.76 10.96
CA THR C 111 38.02 -12.95 9.81
C THR C 111 36.68 -12.24 10.00
N ILE C 112 35.68 -12.97 10.52
CA ILE C 112 34.37 -12.38 10.74
C ILE C 112 34.51 -11.22 11.71
N ARG C 113 35.32 -11.42 12.76
CA ARG C 113 35.54 -10.39 13.78
C ARG C 113 36.18 -9.14 13.14
N VAL C 114 37.13 -9.31 12.22
CA VAL C 114 37.76 -8.14 11.57
C VAL C 114 36.69 -7.39 10.76
N PHE C 115 35.88 -8.10 9.98
CA PHE C 115 34.88 -7.45 9.16
C PHE C 115 33.85 -6.74 10.07
N LEU C 116 33.46 -7.42 11.14
CA LEU C 116 32.41 -6.96 12.00
C LEU C 116 32.87 -5.70 12.76
N HIS C 117 34.14 -5.62 13.12
CA HIS C 117 34.69 -4.41 13.74
CA HIS C 117 34.72 -4.42 13.73
C HIS C 117 34.41 -3.20 12.83
N GLN C 118 34.53 -3.40 11.51
CA GLN C 118 34.36 -2.32 10.55
C GLN C 118 32.86 -2.04 10.37
N ILE C 119 32.04 -3.09 10.30
CA ILE C 119 30.59 -2.95 10.17
C ILE C 119 30.06 -2.17 11.39
N ALA C 120 30.56 -2.49 12.56
CA ALA C 120 30.15 -1.87 13.80
C ALA C 120 30.53 -0.39 13.83
N ALA C 121 31.71 -0.06 13.30
CA ALA C 121 32.15 1.33 13.19
C ALA C 121 31.15 2.13 12.33
N ALA C 122 30.75 1.57 11.18
CA ALA C 122 29.76 2.20 10.33
C ALA C 122 28.47 2.39 11.12
N MET C 123 28.08 1.35 11.86
CA MET C 123 26.83 1.33 12.58
C MET C 123 26.84 2.35 13.72
N ARG C 124 28.03 2.63 14.28
CA ARG C 124 28.17 3.65 15.33
C ARG C 124 27.78 5.03 14.77
N ILE C 125 28.18 5.31 13.53
CA ILE C 125 27.88 6.60 12.89
C ILE C 125 26.37 6.69 12.62
N LEU C 126 25.80 5.67 11.96
CA LEU C 126 24.32 5.59 11.74
C LEU C 126 23.60 5.84 13.06
N HIS C 127 24.01 5.12 14.11
CA HIS C 127 23.31 5.15 15.39
C HIS C 127 23.33 6.57 15.97
N SER C 128 24.44 7.28 15.80
CA SER C 128 24.61 8.57 16.46
C SER C 128 23.84 9.65 15.69
N LYS C 129 23.52 9.38 14.41
CA LYS C 129 22.72 10.26 13.59
C LYS C 129 21.25 9.81 13.53
N GLY C 130 20.90 8.75 14.26
CA GLY C 130 19.56 8.18 14.23
C GLY C 130 19.12 7.80 12.83
N ILE C 131 20.01 7.15 12.08
CA ILE C 131 19.67 6.63 10.77
C ILE C 131 19.65 5.10 10.81
N ILE C 132 18.64 4.51 10.17
CA ILE C 132 18.60 3.08 9.94
C ILE C 132 18.61 2.82 8.45
N HIS C 133 19.33 1.78 8.05
CA HIS C 133 19.63 1.49 6.66
C HIS C 133 18.44 0.75 6.04
N ARG C 134 18.04 -0.34 6.72
CA ARG C 134 16.79 -1.11 6.54
C ARG C 134 16.91 -2.16 5.44
N ASP C 135 17.97 -2.12 4.63
CA ASP C 135 18.12 -3.11 3.61
C ASP C 135 19.55 -3.63 3.54
N LEU C 136 20.23 -3.80 4.69
CA LEU C 136 21.59 -4.32 4.72
C LEU C 136 21.58 -5.78 4.25
N LYS C 137 22.57 -6.13 3.43
CA LYS C 137 22.69 -7.45 2.91
C LYS C 137 24.09 -7.60 2.32
N PRO C 138 24.52 -8.82 1.97
CA PRO C 138 25.84 -9.03 1.40
C PRO C 138 26.05 -8.23 0.11
N GLN C 139 24.96 -7.86 -0.58
CA GLN C 139 24.99 -7.21 -1.88
C GLN C 139 25.33 -5.72 -1.73
N ASN C 140 25.14 -5.13 -0.53
CA ASN C 140 25.46 -3.69 -0.32
C ASN C 140 26.45 -3.50 0.85
N ILE C 141 27.04 -4.59 1.33
CA ILE C 141 28.23 -4.50 2.18
C ILE C 141 29.45 -4.79 1.29
N LEU C 142 30.25 -3.76 1.00
CA LEU C 142 31.19 -3.84 -0.14
C LEU C 142 32.63 -3.85 0.35
N LEU C 143 33.52 -4.33 -0.53
CA LEU C 143 34.96 -4.52 -0.25
C LEU C 143 35.78 -3.57 -1.09
N SER C 144 36.69 -2.86 -0.44
CA SER C 144 37.63 -1.98 -1.09
C SER C 144 39.06 -2.37 -0.70
N TYR C 145 39.93 -2.51 -1.72
CA TYR C 145 41.38 -2.72 -1.50
C TYR C 145 42.12 -1.44 -1.95
N ALA C 146 42.83 -0.79 -1.02
CA ALA C 146 43.56 0.48 -1.32
C ALA C 146 44.84 0.18 -2.14
N ASN C 147 45.52 -0.92 -1.80
CA ASN C 147 46.50 -1.57 -2.67
C ASN C 147 45.95 -2.94 -3.11
N ARG C 148 45.82 -3.15 -4.42
CA ARG C 148 45.39 -4.43 -4.99
C ARG C 148 46.49 -5.50 -4.75
N ARG C 149 47.71 -5.06 -4.40
CA ARG C 149 48.80 -5.97 -3.94
C ARG C 149 48.45 -6.57 -2.57
N LYS C 150 48.08 -5.72 -1.61
CA LYS C 150 47.66 -6.14 -0.24
C LYS C 150 46.24 -6.70 -0.30
N SER C 151 46.13 -7.97 -0.71
CA SER C 151 44.89 -8.63 -1.11
C SER C 151 44.39 -9.60 -0.03
N SER C 152 45.12 -9.71 1.09
CA SER C 152 44.71 -10.50 2.24
C SER C 152 43.66 -9.73 3.09
N VAL C 153 43.15 -10.41 4.12
CA VAL C 153 42.06 -9.92 5.01
C VAL C 153 42.38 -8.51 5.55
N SER C 154 43.65 -8.29 5.93
CA SER C 154 44.06 -7.05 6.62
C SER C 154 44.09 -5.87 5.65
N GLY C 155 43.99 -6.14 4.34
CA GLY C 155 43.94 -5.08 3.30
C GLY C 155 42.52 -4.74 2.85
N ILE C 156 41.52 -5.42 3.43
CA ILE C 156 40.15 -5.18 3.07
C ILE C 156 39.64 -4.05 3.95
N ARG C 157 39.02 -3.04 3.32
CA ARG C 157 38.18 -2.11 4.01
C ARG C 157 36.72 -2.33 3.57
N ILE C 158 35.84 -2.50 4.56
CA ILE C 158 34.40 -2.66 4.37
C ILE C 158 33.77 -1.29 4.21
N LYS C 159 32.83 -1.17 3.27
CA LYS C 159 32.06 0.05 3.09
C LYS C 159 30.58 -0.28 2.85
N ILE C 160 29.71 0.30 3.68
CA ILE C 160 28.25 0.16 3.55
C ILE C 160 27.77 1.08 2.42
N ALA C 161 26.84 0.57 1.60
CA ALA C 161 26.35 1.28 0.45
C ALA C 161 24.83 1.14 0.36
N ASP C 162 24.24 1.96 -0.53
CA ASP C 162 22.83 1.96 -0.92
C ASP C 162 21.96 2.36 0.27
N PHE C 163 21.82 3.68 0.44
CA PHE C 163 21.02 4.24 1.53
C PHE C 163 19.64 4.65 1.00
N GLY C 164 19.31 4.16 -0.20
CA GLY C 164 18.05 4.45 -0.88
C GLY C 164 16.82 4.08 -0.05
N PHE C 165 16.94 3.09 0.84
CA PHE C 165 15.77 2.63 1.62
C PHE C 165 15.93 3.01 3.11
N ALA C 166 16.90 3.88 3.39
CA ALA C 166 17.19 4.32 4.75
C ALA C 166 16.17 5.38 5.23
N ARG C 167 16.10 5.60 6.54
CA ARG C 167 15.19 6.57 7.11
C ARG C 167 15.75 7.10 8.44
N TYR C 168 15.27 8.27 8.84
CA TYR C 168 15.63 8.92 10.09
C TYR C 168 14.64 8.46 11.18
N LEU C 169 15.17 8.13 12.37
CA LEU C 169 14.35 8.01 13.58
C LEU C 169 13.92 9.41 14.04
N HIS C 170 12.75 9.50 14.66
CA HIS C 170 12.19 10.77 15.08
C HIS C 170 11.48 10.60 16.44
N SER C 171 12.25 10.79 17.54
CA SER C 171 11.68 11.00 18.90
C SER C 171 11.58 12.51 19.19
N SER C 181 -3.09 14.70 23.35
CA SER C 181 -3.75 13.43 22.97
C SER C 181 -4.06 13.47 21.46
N PRO C 182 -3.40 12.61 20.63
CA PRO C 182 -3.68 12.47 19.21
C PRO C 182 -4.89 11.55 18.92
N MET C 183 -6.05 12.10 19.23
CA MET C 183 -7.26 11.36 19.28
C MET C 183 -7.75 10.99 17.89
N TYR C 184 -7.18 11.64 16.86
CA TYR C 184 -7.63 11.43 15.50
C TYR C 184 -6.59 10.61 14.74
N MET C 185 -5.48 10.32 15.38
CA MET C 185 -4.35 9.64 14.74
C MET C 185 -4.59 8.11 14.80
N ALA C 186 -4.26 7.43 13.71
CA ALA C 186 -4.54 6.00 13.61
C ALA C 186 -3.75 5.23 14.66
N PRO C 187 -4.36 4.18 15.29
CA PRO C 187 -3.68 3.39 16.30
C PRO C 187 -2.32 2.85 15.85
N GLU C 188 -2.24 2.41 14.59
CA GLU C 188 -1.05 1.78 14.09
C GLU C 188 0.08 2.83 13.98
N VAL C 189 -0.28 4.09 13.75
CA VAL C 189 0.70 5.16 13.68
C VAL C 189 1.15 5.54 15.11
N ILE C 190 0.20 5.67 16.05
CA ILE C 190 0.52 6.03 17.43
C ILE C 190 1.44 4.96 18.04
N MET C 191 1.21 3.69 17.70
CA MET C 191 1.81 2.58 18.40
C MET C 191 3.14 2.15 17.74
N SER C 192 3.45 2.69 16.56
CA SER C 192 4.59 2.14 15.81
C SER C 192 5.73 3.15 15.73
N GLN C 193 5.98 3.86 16.83
CA GLN C 193 7.06 4.80 16.90
C GLN C 193 8.33 4.04 17.32
N HIS C 194 9.38 4.17 16.50
CA HIS C 194 10.68 3.47 16.67
C HIS C 194 10.54 1.95 16.55
N TYR C 195 9.61 1.46 15.73
CA TYR C 195 9.35 0.02 15.68
C TYR C 195 10.53 -0.69 15.00
N ASP C 196 11.25 0.03 14.13
CA ASP C 196 12.30 -0.57 13.28
C ASP C 196 13.70 -0.11 13.72
N ALA C 197 13.81 0.36 14.96
CA ALA C 197 15.02 0.99 15.48
C ALA C 197 16.19 0.01 15.43
N LYS C 198 15.91 -1.30 15.52
CA LYS C 198 16.92 -2.33 15.56
C LYS C 198 16.95 -3.17 14.27
N ALA C 199 16.38 -2.68 13.17
CA ALA C 199 16.31 -3.44 11.94
C ALA C 199 17.72 -3.93 11.51
N ASP C 200 18.70 -3.03 11.55
CA ASP C 200 20.00 -3.34 10.98
C ASP C 200 20.70 -4.41 11.83
N LEU C 201 20.37 -4.49 13.13
CA LEU C 201 20.99 -5.45 13.98
C LEU C 201 20.60 -6.88 13.56
N TRP C 202 19.33 -7.08 13.20
CA TRP C 202 18.88 -8.37 12.66
C TRP C 202 19.70 -8.70 11.41
N SER C 203 19.79 -7.73 10.51
CA SER C 203 20.41 -7.90 9.19
C SER C 203 21.86 -8.36 9.37
N ILE C 204 22.59 -7.65 10.24
CA ILE C 204 23.96 -7.92 10.52
C ILE C 204 24.07 -9.36 11.04
N GLY C 205 23.10 -9.77 11.87
CA GLY C 205 23.00 -11.14 12.36
C GLY C 205 22.91 -12.16 11.22
N THR C 206 22.07 -11.87 10.22
CA THR C 206 21.90 -12.79 9.09
C THR C 206 23.20 -12.86 8.29
N VAL C 207 23.94 -11.75 8.22
CA VAL C 207 25.12 -11.65 7.39
C VAL C 207 26.29 -12.37 8.07
N ILE C 208 26.45 -12.16 9.39
CA ILE C 208 27.43 -12.92 10.12
C ILE C 208 27.16 -14.42 9.96
N TYR C 209 25.90 -14.81 10.11
CA TYR C 209 25.51 -16.16 10.04
C TYR C 209 25.96 -16.74 8.70
N GLN C 210 25.75 -15.99 7.63
CA GLN C 210 26.05 -16.45 6.29
C GLN C 210 27.55 -16.56 6.08
N CYS C 211 28.34 -15.64 6.68
CA CYS C 211 29.78 -15.73 6.64
C CYS C 211 30.26 -17.04 7.27
N LEU C 212 29.65 -17.40 8.41
CA LEU C 212 30.07 -18.55 9.21
C LEU C 212 29.65 -19.85 8.53
N VAL C 213 28.40 -19.90 8.04
CA VAL C 213 27.75 -21.13 7.72
C VAL C 213 27.75 -21.38 6.21
N GLY C 214 27.77 -20.32 5.41
CA GLY C 214 27.75 -20.42 3.95
C GLY C 214 26.35 -20.28 3.36
N LYS C 215 25.32 -20.09 4.19
CA LYS C 215 23.98 -19.80 3.71
C LYS C 215 23.27 -18.91 4.73
N PRO C 216 22.15 -18.24 4.34
CA PRO C 216 21.38 -17.45 5.29
C PRO C 216 20.66 -18.36 6.27
N PRO C 217 20.28 -17.84 7.46
CA PRO C 217 19.71 -18.68 8.49
C PRO C 217 18.26 -19.11 8.20
N PHE C 218 17.54 -18.35 7.41
CA PHE C 218 16.12 -18.67 7.09
C PHE C 218 15.83 -18.35 5.62
N GLN C 219 15.42 -19.37 4.82
CA GLN C 219 15.28 -19.23 3.31
C GLN C 219 13.81 -19.33 2.88
N PHE C 229 6.97 -16.48 6.03
CA PHE C 229 7.26 -17.35 7.15
C PHE C 229 7.39 -16.55 8.45
N TYR C 230 7.51 -15.22 8.39
CA TYR C 230 7.79 -14.42 9.63
C TYR C 230 6.50 -14.13 10.40
N GLU C 231 5.38 -14.02 9.69
CA GLU C 231 4.02 -13.91 10.33
C GLU C 231 3.72 -15.21 11.11
N LYS C 232 4.00 -16.35 10.45
CA LYS C 232 3.59 -17.70 10.88
C LYS C 232 4.47 -18.17 12.04
N ASN C 233 5.78 -18.07 11.86
CA ASN C 233 6.75 -18.47 12.87
C ASN C 233 6.99 -17.26 13.79
N ARG C 234 6.36 -17.27 14.98
CA ARG C 234 6.33 -16.09 15.87
C ARG C 234 7.59 -16.05 16.75
N SER C 235 8.44 -17.09 16.65
CA SER C 235 9.78 -17.07 17.25
C SER C 235 10.54 -18.35 16.88
N LEU C 236 11.65 -18.22 16.14
CA LEU C 236 12.32 -19.38 15.49
C LEU C 236 13.85 -19.36 15.73
N MET C 237 14.48 -20.53 15.65
CA MET C 237 15.84 -20.81 16.10
C MET C 237 16.77 -21.01 14.90
N PRO C 238 17.81 -20.18 14.73
CA PRO C 238 18.82 -20.46 13.72
C PRO C 238 19.63 -21.71 14.09
N SER C 239 20.00 -22.49 13.09
CA SER C 239 20.79 -23.67 13.31
C SER C 239 22.28 -23.28 13.39
N ILE C 240 22.86 -23.45 14.58
CA ILE C 240 24.24 -23.03 14.90
C ILE C 240 25.19 -24.22 14.77
N PRO C 241 26.28 -24.16 14.00
CA PRO C 241 27.27 -25.24 14.02
C PRO C 241 27.78 -25.54 15.45
N ARG C 242 28.01 -26.82 15.76
CA ARG C 242 28.44 -27.30 17.08
C ARG C 242 29.76 -26.63 17.50
N GLU C 243 30.63 -26.34 16.51
CA GLU C 243 32.01 -25.83 16.77
C GLU C 243 31.99 -24.32 17.13
N THR C 244 30.86 -23.63 16.92
CA THR C 244 30.76 -22.17 17.08
C THR C 244 31.22 -21.75 18.48
N SER C 245 32.10 -20.75 18.56
CA SER C 245 32.58 -20.31 19.86
C SER C 245 31.40 -19.82 20.70
N PRO C 246 31.45 -19.97 22.03
CA PRO C 246 30.40 -19.46 22.89
C PRO C 246 30.00 -18.02 22.58
N TYR C 247 30.99 -17.12 22.44
CA TYR C 247 30.69 -15.71 22.29
C TYR C 247 29.98 -15.47 20.96
N LEU C 248 30.42 -16.12 19.89
CA LEU C 248 29.85 -15.87 18.58
C LEU C 248 28.42 -16.39 18.53
N ALA C 249 28.14 -17.48 19.25
CA ALA C 249 26.82 -18.07 19.24
C ALA C 249 25.88 -17.13 19.96
N ASN C 250 26.36 -16.60 21.10
CA ASN C 250 25.64 -15.67 21.89
C ASN C 250 25.26 -14.46 21.02
N LEU C 251 26.24 -13.92 20.30
CA LEU C 251 26.05 -12.76 19.45
C LEU C 251 25.00 -13.08 18.39
N LEU C 252 25.16 -14.21 17.71
CA LEU C 252 24.25 -14.59 16.62
C LEU C 252 22.81 -14.67 17.13
N LEU C 253 22.62 -15.39 18.24
CA LEU C 253 21.28 -15.64 18.73
C LEU C 253 20.65 -14.33 19.26
N GLY C 254 21.45 -13.41 19.79
CA GLY C 254 20.96 -12.10 20.27
C GLY C 254 20.51 -11.18 19.13
N LEU C 255 21.24 -11.20 18.01
CA LEU C 255 20.88 -10.43 16.84
C LEU C 255 19.67 -11.07 16.15
N LEU C 256 19.63 -12.40 16.08
CA LEU C 256 18.61 -13.09 15.29
C LEU C 256 17.37 -13.38 16.16
N GLN C 257 16.88 -12.35 16.85
CA GLN C 257 15.61 -12.39 17.58
C GLN C 257 14.52 -11.80 16.69
N ARG C 258 13.51 -12.59 16.36
CA ARG C 258 12.36 -12.12 15.53
C ARG C 258 11.70 -10.88 16.15
N ASN C 259 11.60 -10.84 17.47
CA ASN C 259 10.96 -9.73 18.15
C ASN C 259 11.98 -8.69 18.62
N GLN C 260 11.83 -7.46 18.11
CA GLN C 260 12.73 -6.35 18.38
C GLN C 260 12.96 -6.16 19.89
N LYS C 261 11.92 -6.39 20.69
CA LYS C 261 11.95 -6.16 22.12
C LYS C 261 12.95 -7.13 22.79
N ASP C 262 13.13 -8.32 22.19
CA ASP C 262 14.03 -9.36 22.70
C ASP C 262 15.42 -9.24 22.10
N ARG C 263 15.56 -8.42 21.04
CA ARG C 263 16.79 -8.35 20.25
C ARG C 263 17.82 -7.51 21.02
N MET C 264 19.06 -7.99 21.00
CA MET C 264 20.20 -7.24 21.48
C MET C 264 20.11 -5.79 20.97
N ASP C 265 20.42 -4.81 21.83
CA ASP C 265 20.45 -3.39 21.39
C ASP C 265 21.89 -3.01 21.00
N PHE C 266 22.04 -1.78 20.50
CA PHE C 266 23.27 -1.31 19.89
C PHE C 266 24.44 -1.37 20.89
N GLU C 267 24.23 -0.91 22.11
CA GLU C 267 25.36 -0.75 23.04
C GLU C 267 25.88 -2.14 23.41
N ALA C 268 24.97 -3.11 23.48
CA ALA C 268 25.32 -4.49 23.78
C ALA C 268 26.07 -5.10 22.59
N PHE C 269 25.64 -4.76 21.37
CA PHE C 269 26.29 -5.17 20.15
C PHE C 269 27.68 -4.54 20.04
N PHE C 270 27.80 -3.23 20.28
CA PHE C 270 29.09 -2.54 20.13
C PHE C 270 30.08 -3.10 21.15
N SER C 271 29.60 -3.46 22.34
CA SER C 271 30.50 -3.91 23.43
C SER C 271 30.46 -5.43 23.59
N HIS C 272 29.92 -6.16 22.61
CA HIS C 272 29.80 -7.60 22.74
C HIS C 272 31.17 -8.23 22.88
N PRO C 273 31.36 -9.17 23.82
CA PRO C 273 32.68 -9.77 24.04
C PRO C 273 33.32 -10.39 22.81
N PHE C 274 32.53 -10.74 21.79
CA PHE C 274 33.09 -11.34 20.59
C PHE C 274 33.94 -10.28 19.85
N LEU C 275 33.48 -9.03 19.87
CA LEU C 275 34.16 -7.90 19.24
C LEU C 275 35.36 -7.48 20.07
N GLU C 276 35.19 -7.40 21.40
CA GLU C 276 36.23 -6.86 22.29
C GLU C 276 37.38 -7.87 22.46
N GLN C 277 37.31 -9.01 21.76
CA GLN C 277 38.46 -9.92 21.58
C GLN C 277 39.40 -9.39 20.50
CAM 1FV D . -21.65 -5.89 -3.91
CAH 1FV D . -22.64 -5.13 -4.80
CAN 1FV D . -22.91 -6.43 -5.53
CBF 1FV D . -21.63 -6.99 -4.96
CAZ 1FV D . -21.60 -8.42 -4.48
OAA 1FV D . -22.54 -9.19 -4.67
NAV 1FV D . -20.48 -8.79 -3.85
CAI 1FV D . -20.32 -10.13 -3.28
CAG 1FV D . -20.50 -10.11 -1.79
CAJ 1FV D . -21.86 -9.61 -1.36
NAW 1FV D . -22.93 -10.47 -1.84
C4 1FV D . -23.17 -11.69 -1.33
N3 1FV D . -22.64 -12.00 -0.14
C5 1FV D . -24.00 -12.59 -2.02
CBG 1FV D . -24.41 -12.32 -3.45
CAO 1FV D . -25.58 -12.99 -4.07
CAP 1FV D . -25.65 -11.57 -3.76
C6 1FV D . -24.26 -13.77 -1.36
N1 1FV D . -23.77 -14.10 -0.15
C2 1FV D . -22.98 -13.17 0.41
NAX 1FV D . -22.60 -13.34 1.68
CBB 1FV D . -21.65 -12.67 2.48
CAF 1FV D . -21.65 -12.80 3.86
CAD 1FV D . -20.65 -11.93 1.86
CAB 1FV D . -19.72 -11.27 2.63
CAC 1FV D . -19.78 -11.33 4.01
CBA 1FV D . -20.76 -12.09 4.64
CAS 1FV D . -20.91 -12.02 6.14
NBH 1FV D . -20.19 -13.05 6.87
CAQ 1FV D . -20.04 -12.67 8.29
CAK 1FV D . -19.90 -13.89 9.15
OAY 1FV D . -19.22 -14.94 8.47
CAL 1FV D . -20.05 -15.45 7.43
CAR 1FV D . -20.88 -14.35 6.78
C1 EDO E . -31.35 -7.13 13.56
O1 EDO E . -30.35 -6.17 13.14
C2 EDO E . -31.46 -8.29 12.57
O2 EDO E . -30.27 -9.09 12.56
C1 EDO F . -44.08 -18.33 -0.74
O1 EDO F . -42.66 -18.08 -0.86
C2 EDO F . -44.48 -18.45 0.73
O2 EDO F . -45.30 -17.34 1.15
C1 EDO G . 9.18 -24.26 -10.00
O1 EDO G . 8.52 -25.44 -9.57
C2 EDO G . 8.74 -23.93 -11.43
O2 EDO G . 8.47 -22.52 -11.56
C1 EDO H . -17.63 -3.93 -6.69
O1 EDO H . -16.94 -3.81 -5.44
C2 EDO H . -19.04 -4.45 -6.44
O2 EDO H . -19.83 -4.38 -7.64
C1 GOL I . -23.76 -4.59 -9.87
O1 GOL I . -23.14 -4.23 -8.63
C2 GOL I . -24.69 -3.48 -10.37
O2 GOL I . -24.07 -2.81 -11.47
C3 GOL I . -26.08 -4.02 -10.79
O3 GOL I . -26.05 -5.01 -11.84
CL CL J . -23.88 -7.76 -23.30
CAM 1FV K . 0.11 24.86 11.65
CAH 1FV K . 1.59 24.49 11.37
CAN 1FV K . 1.11 23.79 10.05
CBF 1FV K . -0.32 23.82 10.61
CAZ 1FV K . -1.47 24.19 9.69
OAA 1FV K . -1.29 24.63 8.56
NAV 1FV K . -2.68 24.04 10.22
CAI 1FV K . -3.91 24.42 9.54
CAG 1FV K . -4.46 25.70 10.09
CAJ 1FV K . -3.57 26.87 9.75
NAW 1FV K . -3.32 26.96 8.31
C4 1FV K . -4.22 27.46 7.45
N3 1FV K . -5.24 28.18 7.93
C5 1FV K . -4.04 27.27 6.05
CBG 1FV K . -3.04 26.28 5.52
CAO 1FV K . -2.43 26.42 4.15
CAP 1FV K . -1.59 26.66 5.34
C6 1FV K . -4.95 27.93 5.24
N1 1FV K . -5.95 28.69 5.70
C2 1FV K . -6.03 28.78 7.04
NAX 1FV K . -6.94 29.63 7.59
CBB 1FV K . -7.40 29.76 8.92
CAF 1FV K . -8.14 30.88 9.29
CAD 1FV K . -7.17 28.75 9.86
CAB 1FV K . -7.62 28.91 11.16
CAC 1FV K . -8.29 30.08 11.53
CBA 1FV K . -8.55 31.07 10.59
CAS 1FV K . -9.14 32.39 11.03
NBH 1FV K . -10.60 32.43 11.04
CAQ 1FV K . -11.08 33.63 11.76
CAK 1FV K . -12.42 34.09 11.21
OAY 1FV K . -13.24 32.98 10.83
CAL 1FV K . -12.65 32.28 9.74
CAR 1FV K . -11.14 32.44 9.69
C1 EDO L . -16.32 34.26 5.77
O1 EDO L . -15.27 35.25 5.78
C2 EDO L . -17.06 34.25 7.11
O2 EDO L . -18.39 33.75 6.91
C1 EDO M . 0.86 -1.50 14.98
O1 EDO M . -0.40 -1.84 15.59
C2 EDO M . 1.02 -2.23 13.64
O2 EDO M . -0.24 -2.43 13.00
C1 EDO N . 4.36 -2.73 13.12
O1 EDO N . 4.38 -2.02 11.88
C2 EDO N . 4.47 -1.72 14.25
O2 EDO N . 4.72 -2.40 15.49
C1 EDO O . 9.67 7.61 5.87
O1 EDO O . 10.46 8.77 6.16
C2 EDO O . 9.04 7.79 4.50
O2 EDO O . 9.02 6.55 3.79
CAM 1FV P . 22.03 -1.07 -6.76
CAH 1FV P . 21.37 0.15 -7.45
CAN 1FV P . 22.03 1.09 -6.40
CBF 1FV P . 22.41 -0.14 -5.59
CAZ 1FV P . 23.82 -0.23 -5.10
OAA 1FV P . 24.48 0.77 -4.85
NAV 1FV P . 24.30 -1.48 -4.94
CAI 1FV P . 25.64 -1.78 -4.44
CAG 1FV P . 26.51 -2.35 -5.53
CAJ 1FV P . 26.86 -1.33 -6.60
NAW 1FV P . 27.47 -0.14 -6.03
C4 1FV P . 28.79 -0.04 -5.79
N3 1FV P . 29.59 -1.00 -6.28
C5 1FV P . 29.30 1.05 -5.09
CBG 1FV P . 28.36 2.03 -4.41
CAO 1FV P . 28.73 3.47 -4.17
CAP 1FV P . 27.69 3.13 -5.16
C6 1FV P . 30.68 1.09 -4.96
N1 1FV P . 31.51 0.15 -5.45
C2 1FV P . 30.91 -0.86 -6.09
NAX 1FV P . 31.66 -1.82 -6.67
CBB 1FV P . 31.30 -3.10 -7.19
CAF 1FV P . 32.17 -3.82 -8.00
CAD 1FV P . 30.08 -3.68 -6.82
CAB 1FV P . 29.74 -4.93 -7.30
CAC 1FV P . 30.58 -5.60 -8.18
CBA 1FV P . 31.80 -5.04 -8.56
CAS 1FV P . 32.57 -5.64 -9.71
NBH 1FV P . 33.67 -6.52 -9.28
CAQ 1FV P . 33.93 -7.55 -10.29
CAK 1FV P . 35.35 -8.06 -10.18
OAY 1FV P . 35.81 -7.99 -8.83
CAL 1FV P . 35.96 -6.64 -8.44
CAR 1FV P . 34.90 -5.75 -9.03
C1 EDO Q . 34.57 -18.06 24.71
O1 EDO Q . 34.89 -19.47 24.75
C2 EDO Q . 35.05 -17.42 23.40
O2 EDO Q . 34.00 -17.38 22.42
#